data_2VRX
#
_entry.id   2VRX
#
_cell.length_a   45.735
_cell.length_b   67.004
_cell.length_c   116.583
_cell.angle_alpha   90.00
_cell.angle_beta   96.93
_cell.angle_gamma   90.00
#
_symmetry.space_group_name_H-M   'P 1 21 1'
#
loop_
_entity.id
_entity.type
_entity.pdbx_description
1 polymer 'SERINE/THREONINE-PROTEIN KINASE 12-A'
2 polymer 'INNER CENTROMERE PROTEIN A'
3 non-polymer N-(4-{[6-methoxy-7-(3-morpholin-4-ylpropoxy)quinazolin-4-yl]amino}phenyl)benzamide
4 water water
#
loop_
_entity_poly.entity_id
_entity_poly.type
_entity_poly.pdbx_seq_one_letter_code
_entity_poly.pdbx_strand_id
1 'polypeptide(L)'
;NTALAEMPKRKFTIDDFDIGRPLGKGKFGNVYLAREKQNKFIMALKVLFKSQLEKEGVEHQLRREIEIQSHLRHPNILRM
YNYFHDRKRIYLMLEFAPRGELYKELQKHGRFDEQRSATFMEELADALHYCHERKVIHRDIKPENLLMGYKGELKIADFG
WSVHAPSLRRR(TPO)MCGTLDYLPPEMIEGKTHDEKVDLWCAGVLCYEFLVGMPPFDSPSHTETHRRIVNVDLKFPPFL
SDGSKDLISKLLRYHPPQRLPLKGVMEHPWVKANSRRVLPPVYQSTQSK
;
A,B
2 'polypeptide(L)' IPAWASGNLLTQAIRQQYYKPIDVDRMYGTIDSPKLEELFNKS C,D
#
loop_
_chem_comp.id
_chem_comp.type
_chem_comp.name
_chem_comp.formula
447 non-polymer N-(4-{[6-methoxy-7-(3-morpholin-4-ylpropoxy)quinazolin-4-yl]amino}phenyl)benzamide 'C29 H31 N5 O4'
#
# COMPACT_ATOMS: atom_id res chain seq x y z
N LYS A 11 10.10 -29.18 9.68
CA LYS A 11 10.47 -28.96 11.11
C LYS A 11 11.84 -29.52 11.47
N PHE A 12 12.45 -28.95 12.51
CA PHE A 12 13.79 -29.33 12.93
C PHE A 12 13.80 -30.55 13.85
N THR A 13 14.92 -31.27 13.84
CA THR A 13 15.21 -32.32 14.81
C THR A 13 16.64 -32.13 15.29
N ILE A 14 17.02 -32.80 16.37
CA ILE A 14 18.38 -32.70 16.91
C ILE A 14 19.48 -33.12 15.92
N ASP A 15 19.16 -34.09 15.06
N ASP A 15 19.17 -34.09 15.07
CA ASP A 15 20.10 -34.56 14.05
CA ASP A 15 20.12 -34.56 14.04
C ASP A 15 20.48 -33.46 13.04
C ASP A 15 20.37 -33.53 12.92
N ASP A 16 19.66 -32.41 12.98
CA ASP A 16 19.90 -31.28 12.07
C ASP A 16 21.05 -30.38 12.53
N PHE A 17 21.65 -30.71 13.67
CA PHE A 17 22.67 -29.87 14.31
C PHE A 17 23.92 -30.65 14.67
N ASP A 18 25.08 -30.08 14.35
CA ASP A 18 26.35 -30.51 14.92
C ASP A 18 26.45 -29.93 16.33
N ILE A 19 26.57 -30.77 17.34
CA ILE A 19 26.75 -30.29 18.71
C ILE A 19 28.23 -30.09 18.98
N GLY A 20 28.59 -28.85 19.29
CA GLY A 20 29.98 -28.47 19.48
C GLY A 20 30.47 -28.74 20.88
N ARG A 21 29.80 -28.16 21.86
CA ARG A 21 30.18 -28.28 23.27
C ARG A 21 29.16 -27.60 24.17
N PRO A 22 29.08 -28.03 25.45
CA PRO A 22 28.20 -27.32 26.39
C PRO A 22 28.71 -25.92 26.75
N LEU A 23 27.79 -24.97 26.80
CA LEU A 23 28.12 -23.60 27.20
C LEU A 23 27.76 -23.36 28.67
N GLY A 24 26.69 -23.98 29.13
CA GLY A 24 26.24 -23.77 30.49
C GLY A 24 25.28 -24.85 30.93
N LYS A 25 25.19 -25.02 32.25
CA LYS A 25 24.19 -25.91 32.84
C LYS A 25 23.00 -25.06 33.23
N GLY A 26 21.81 -25.67 33.23
CA GLY A 26 20.61 -25.02 33.74
C GLY A 26 19.83 -25.96 34.63
N LYS A 27 18.70 -25.47 35.13
CA LYS A 27 17.82 -26.27 35.99
C LYS A 27 17.20 -27.44 35.24
N PHE A 28 16.73 -27.17 34.01
CA PHE A 28 15.94 -28.14 33.25
C PHE A 28 16.68 -28.78 32.07
N GLY A 29 17.93 -28.37 31.88
CA GLY A 29 18.79 -28.93 30.85
C GLY A 29 19.96 -28.00 30.61
N ASN A 30 20.86 -28.39 29.70
CA ASN A 30 22.03 -27.60 29.40
C ASN A 30 21.83 -26.77 28.14
N VAL A 31 22.71 -25.79 27.96
CA VAL A 31 22.80 -25.03 26.72
C VAL A 31 24.11 -25.40 26.00
N TYR A 32 24.02 -25.58 24.69
CA TYR A 32 25.12 -26.07 23.88
C TYR A 32 25.42 -25.13 22.72
N LEU A 33 26.72 -24.97 22.44
CA LEU A 33 27.14 -24.42 21.17
C LEU A 33 26.82 -25.45 20.09
N ALA A 34 26.05 -25.03 19.08
CA ALA A 34 25.61 -25.91 18.04
C ALA A 34 25.71 -25.25 16.66
N ARG A 35 25.77 -26.08 15.62
CA ARG A 35 25.79 -25.61 14.25
C ARG A 35 24.67 -26.29 13.48
N GLU A 36 23.77 -25.50 12.90
CA GLU A 36 22.76 -26.03 11.99
C GLU A 36 23.47 -26.48 10.71
N LYS A 37 23.21 -27.72 10.30
CA LYS A 37 24.02 -28.40 9.27
C LYS A 37 23.84 -27.85 7.86
N GLN A 38 22.59 -27.58 7.48
CA GLN A 38 22.26 -27.12 6.14
C GLN A 38 22.88 -25.77 5.83
N ASN A 39 22.85 -24.89 6.82
CA ASN A 39 23.32 -23.51 6.67
C ASN A 39 24.67 -23.23 7.32
N LYS A 40 25.26 -24.25 7.95
CA LYS A 40 26.51 -24.10 8.72
C LYS A 40 26.46 -22.88 9.63
N PHE A 41 25.29 -22.67 10.23
CA PHE A 41 25.00 -21.47 11.01
C PHE A 41 25.09 -21.79 12.49
N ILE A 42 25.95 -21.05 13.19
CA ILE A 42 26.24 -21.30 14.59
C ILE A 42 25.23 -20.63 15.51
N MET A 43 24.69 -21.42 16.44
CA MET A 43 23.71 -20.93 17.39
C MET A 43 23.91 -21.61 18.74
N ALA A 44 23.07 -21.24 19.70
CA ALA A 44 23.00 -21.94 20.96
C ALA A 44 21.73 -22.80 20.97
N LEU A 45 21.84 -23.99 21.54
CA LEU A 45 20.70 -24.89 21.69
C LEU A 45 20.44 -25.14 23.16
N LYS A 46 19.33 -24.62 23.66
CA LYS A 46 18.90 -24.89 25.02
C LYS A 46 18.04 -26.15 25.01
N VAL A 47 18.45 -27.14 25.80
CA VAL A 47 17.72 -28.39 25.93
C VAL A 47 16.97 -28.41 27.26
N LEU A 48 15.67 -28.69 27.21
CA LEU A 48 14.90 -28.85 28.44
C LEU A 48 14.22 -30.21 28.47
N PHE A 49 14.25 -30.85 29.63
CA PHE A 49 13.61 -32.16 29.81
C PHE A 49 12.16 -32.02 30.21
N LYS A 50 11.29 -32.58 29.37
CA LYS A 50 9.85 -32.47 29.53
C LYS A 50 9.34 -32.97 30.87
N SER A 51 9.90 -34.08 31.33
CA SER A 51 9.49 -34.69 32.60
C SER A 51 9.84 -33.83 33.82
N GLN A 52 11.06 -33.27 33.82
CA GLN A 52 11.47 -32.40 34.92
C GLN A 52 10.67 -31.10 34.97
N LEU A 53 10.32 -30.56 33.81
CA LEU A 53 9.48 -29.38 33.70
C LEU A 53 8.09 -29.64 34.28
N GLU A 54 7.53 -30.80 33.95
CA GLU A 54 6.22 -31.19 34.47
C GLU A 54 6.26 -31.44 35.97
N LYS A 55 7.31 -32.12 36.43
CA LYS A 55 7.47 -32.41 37.87
C LYS A 55 7.57 -31.15 38.71
N GLU A 56 8.35 -30.17 38.25
CA GLU A 56 8.51 -28.90 38.92
C GLU A 56 7.28 -28.01 38.80
N GLY A 57 6.40 -28.36 37.86
CA GLY A 57 5.15 -27.63 37.64
C GLY A 57 5.32 -26.29 36.95
N VAL A 58 6.30 -26.21 36.04
CA VAL A 58 6.62 -24.95 35.36
C VAL A 58 6.27 -24.91 33.86
N GLU A 59 5.36 -25.78 33.43
CA GLU A 59 5.04 -25.89 32.01
C GLU A 59 4.48 -24.60 31.43
N HIS A 60 3.53 -23.99 32.13
CA HIS A 60 2.92 -22.75 31.67
C HIS A 60 3.86 -21.55 31.80
N GLN A 61 4.73 -21.57 32.82
CA GLN A 61 5.84 -20.62 32.94
C GLN A 61 6.71 -20.64 31.69
N LEU A 62 7.16 -21.84 31.33
CA LEU A 62 8.03 -22.01 30.18
C LEU A 62 7.37 -21.55 28.89
N ARG A 63 6.11 -21.95 28.67
CA ARG A 63 5.42 -21.58 27.44
C ARG A 63 5.16 -20.08 27.34
N ARG A 64 5.05 -19.41 28.50
CA ARG A 64 4.94 -17.95 28.56
C ARG A 64 6.25 -17.30 28.14
N GLU A 65 7.37 -17.77 28.72
CA GLU A 65 8.70 -17.29 28.37
C GLU A 65 8.98 -17.45 26.89
N ILE A 66 8.60 -18.61 26.34
CA ILE A 66 8.80 -18.92 24.94
C ILE A 66 7.92 -18.03 24.07
N GLU A 67 6.64 -17.89 24.44
CA GLU A 67 5.74 -17.00 23.69
C GLU A 67 6.34 -15.58 23.61
N ILE A 68 6.71 -15.02 24.74
CA ILE A 68 7.27 -13.65 24.79
C ILE A 68 8.56 -13.53 23.97
N GLN A 69 9.58 -14.32 24.29
CA GLN A 69 10.86 -14.20 23.59
C GLN A 69 10.85 -14.52 22.09
N SER A 70 10.02 -15.47 21.68
N SER A 70 10.01 -15.47 21.68
CA SER A 70 9.97 -15.89 20.27
CA SER A 70 9.93 -15.89 20.28
C SER A 70 9.33 -14.85 19.35
C SER A 70 9.39 -14.81 19.36
N HIS A 71 8.70 -13.83 19.94
CA HIS A 71 8.02 -12.78 19.18
C HIS A 71 8.76 -11.43 19.22
N LEU A 72 9.98 -11.43 19.76
CA LEU A 72 10.80 -10.21 19.84
C LEU A 72 11.98 -10.24 18.88
N ARG A 73 12.14 -9.17 18.11
CA ARG A 73 13.23 -9.04 17.14
C ARG A 73 13.96 -7.73 17.33
N HIS A 74 15.05 -7.77 18.09
CA HIS A 74 15.81 -6.55 18.37
C HIS A 74 17.28 -6.89 18.50
N PRO A 75 18.18 -6.00 17.99
CA PRO A 75 19.61 -6.30 18.08
C PRO A 75 20.11 -6.50 19.50
N ASN A 76 19.38 -6.00 20.49
CA ASN A 76 19.83 -6.13 21.88
C ASN A 76 18.96 -7.05 22.74
N ILE A 77 18.20 -7.88 22.05
CA ILE A 77 17.43 -8.96 22.68
C ILE A 77 17.89 -10.24 22.01
N LEU A 78 18.28 -11.22 22.83
CA LEU A 78 18.75 -12.50 22.32
C LEU A 78 17.62 -13.14 21.50
N ARG A 79 17.90 -13.48 20.26
CA ARG A 79 16.89 -13.99 19.36
C ARG A 79 16.59 -15.46 19.64
N MET A 80 15.31 -15.83 19.60
CA MET A 80 14.93 -17.24 19.53
C MET A 80 14.47 -17.46 18.09
N TYR A 81 15.28 -18.21 17.34
CA TYR A 81 15.02 -18.47 15.94
C TYR A 81 13.80 -19.35 15.74
N ASN A 82 13.69 -20.37 16.57
CA ASN A 82 12.64 -21.37 16.49
C ASN A 82 12.82 -22.33 17.65
N TYR A 83 11.99 -23.36 17.70
CA TYR A 83 12.09 -24.39 18.72
C TYR A 83 11.47 -25.67 18.17
N PHE A 84 11.81 -26.78 18.80
CA PHE A 84 11.26 -28.08 18.41
C PHE A 84 11.28 -29.01 19.61
N HIS A 85 10.70 -30.20 19.46
CA HIS A 85 10.73 -31.18 20.54
C HIS A 85 10.80 -32.59 20.01
N ASP A 86 11.29 -33.49 20.85
CA ASP A 86 11.23 -34.91 20.55
C ASP A 86 10.55 -35.61 21.74
N ARG A 87 10.76 -36.91 21.89
CA ARG A 87 10.06 -37.68 22.92
C ARG A 87 10.28 -37.16 24.33
N LYS A 88 11.51 -36.74 24.61
CA LYS A 88 11.93 -36.45 25.97
C LYS A 88 12.35 -34.99 26.20
N ARG A 89 12.59 -34.26 25.12
CA ARG A 89 13.25 -32.95 25.23
C ARG A 89 12.55 -31.86 24.44
N ILE A 90 12.65 -30.64 24.94
CA ILE A 90 12.27 -29.41 24.24
C ILE A 90 13.57 -28.71 23.92
N TYR A 91 13.72 -28.30 22.66
CA TYR A 91 14.94 -27.63 22.21
C TYR A 91 14.63 -26.21 21.77
N LEU A 92 15.41 -25.25 22.29
CA LEU A 92 15.25 -23.85 21.90
C LEU A 92 16.47 -23.41 21.11
N MET A 93 16.22 -22.96 19.88
CA MET A 93 17.25 -22.48 18.98
C MET A 93 17.45 -20.99 19.22
N LEU A 94 18.57 -20.65 19.81
CA LEU A 94 18.84 -19.30 20.30
C LEU A 94 20.05 -18.70 19.61
N GLU A 95 20.03 -17.37 19.49
CA GLU A 95 21.19 -16.61 19.06
C GLU A 95 22.37 -16.91 19.96
N PHE A 96 23.52 -17.20 19.35
CA PHE A 96 24.74 -17.40 20.10
C PHE A 96 25.36 -16.04 20.43
N ALA A 97 25.74 -15.86 21.69
CA ALA A 97 26.35 -14.61 22.14
C ALA A 97 27.82 -14.85 22.45
N PRO A 98 28.71 -14.56 21.46
CA PRO A 98 30.12 -14.95 21.51
C PRO A 98 30.87 -14.51 22.76
N ARG A 99 30.54 -13.34 23.30
CA ARG A 99 31.28 -12.85 24.48
C ARG A 99 30.72 -13.31 25.83
N GLY A 100 29.63 -14.08 25.79
CA GLY A 100 29.14 -14.75 26.98
C GLY A 100 28.45 -13.87 28.00
N GLU A 101 28.54 -14.28 29.25
CA GLU A 101 27.80 -13.66 30.35
C GLU A 101 28.35 -12.29 30.71
N LEU A 102 27.47 -11.29 30.72
CA LEU A 102 27.86 -9.94 31.13
C LEU A 102 28.30 -9.95 32.59
N TYR A 103 27.64 -10.73 33.44
CA TYR A 103 27.98 -10.75 34.86
C TYR A 103 29.42 -11.23 35.10
N LYS A 104 29.88 -12.21 34.30
CA LYS A 104 31.26 -12.70 34.39
C LYS A 104 32.29 -11.63 34.05
N GLU A 105 31.95 -10.81 33.05
CA GLU A 105 32.79 -9.70 32.64
C GLU A 105 32.83 -8.60 33.70
N LEU A 106 31.67 -8.31 34.30
CA LEU A 106 31.62 -7.35 35.39
C LEU A 106 32.44 -7.83 36.58
N GLN A 107 32.27 -9.09 36.95
CA GLN A 107 33.03 -9.70 38.04
C GLN A 107 34.53 -9.66 37.77
N LYS A 108 34.91 -9.94 36.52
CA LYS A 108 36.30 -9.94 36.09
C LYS A 108 36.94 -8.56 36.26
N HIS A 109 36.20 -7.51 35.90
CA HIS A 109 36.71 -6.13 35.92
C HIS A 109 36.43 -5.38 37.21
N GLY A 110 35.49 -5.88 38.02
CA GLY A 110 35.10 -5.18 39.25
C GLY A 110 34.02 -4.13 38.97
N ARG A 111 34.36 -3.15 38.13
CA ARG A 111 33.38 -2.20 37.62
C ARG A 111 33.74 -1.82 36.18
N PHE A 112 32.75 -1.33 35.44
CA PHE A 112 32.94 -0.86 34.07
C PHE A 112 33.21 0.64 34.03
N ASP A 113 33.98 1.05 33.03
CA ASP A 113 34.24 2.47 32.81
C ASP A 113 32.99 3.10 32.21
N GLU A 114 33.01 4.42 32.09
CA GLU A 114 31.84 5.15 31.62
C GLU A 114 31.42 4.83 30.20
N GLN A 115 32.41 4.66 29.32
CA GLN A 115 32.11 4.30 27.94
C GLN A 115 31.33 2.98 27.90
N ARG A 116 31.85 1.97 28.58
CA ARG A 116 31.24 0.65 28.55
C ARG A 116 29.82 0.71 29.15
N SER A 117 29.70 1.41 30.27
CA SER A 117 28.44 1.54 30.97
C SER A 117 27.39 2.31 30.15
N ALA A 118 27.79 3.44 29.58
CA ALA A 118 26.90 4.26 28.75
C ALA A 118 26.41 3.50 27.52
N THR A 119 27.30 2.74 26.88
CA THR A 119 26.92 1.95 25.70
C THR A 119 25.86 0.92 26.08
N PHE A 120 26.12 0.19 27.16
CA PHE A 120 25.18 -0.78 27.71
C PHE A 120 23.82 -0.14 28.01
N MET A 121 23.85 1.06 28.62
CA MET A 121 22.62 1.75 28.98
C MET A 121 21.79 2.14 27.77
N GLU A 122 22.45 2.61 26.72
CA GLU A 122 21.76 2.94 25.48
C GLU A 122 21.13 1.69 24.89
N GLU A 123 21.91 0.61 24.83
CA GLU A 123 21.43 -0.65 24.25
C GLU A 123 20.25 -1.21 25.08
N LEU A 124 20.39 -1.18 26.40
CA LEU A 124 19.32 -1.61 27.29
C LEU A 124 18.06 -0.79 27.11
N ALA A 125 18.19 0.54 27.06
CA ALA A 125 17.03 1.42 26.97
C ALA A 125 16.30 1.19 25.66
N ASP A 126 17.07 0.95 24.60
CA ASP A 126 16.52 0.69 23.28
C ASP A 126 15.72 -0.63 23.25
N ALA A 127 16.29 -1.70 23.79
CA ALA A 127 15.60 -2.99 23.87
C ALA A 127 14.34 -2.93 24.72
N LEU A 128 14.45 -2.30 25.91
CA LEU A 128 13.33 -2.14 26.80
C LEU A 128 12.23 -1.27 26.18
N HIS A 129 12.62 -0.25 25.43
CA HIS A 129 11.64 0.59 24.73
C HIS A 129 10.84 -0.29 23.76
N TYR A 130 11.56 -1.14 23.03
CA TYR A 130 10.98 -2.10 22.08
C TYR A 130 9.97 -3.02 22.78
N CYS A 131 10.33 -3.54 23.96
CA CYS A 131 9.45 -4.40 24.76
C CYS A 131 8.22 -3.63 25.23
N HIS A 132 8.43 -2.44 25.80
CA HIS A 132 7.33 -1.62 26.33
C HIS A 132 6.34 -1.18 25.23
N GLU A 133 6.85 -0.93 24.03
CA GLU A 133 6.04 -0.66 22.84
C GLU A 133 5.05 -1.80 22.56
N ARG A 134 5.39 -2.98 23.06
CA ARG A 134 4.59 -4.19 22.85
C ARG A 134 3.93 -4.66 24.15
N LYS A 135 3.97 -3.78 25.15
CA LYS A 135 3.41 -4.04 26.48
C LYS A 135 4.00 -5.29 27.15
N VAL A 136 5.28 -5.51 26.91
CA VAL A 136 6.05 -6.52 27.62
C VAL A 136 6.91 -5.80 28.65
N ILE A 137 6.73 -6.16 29.92
CA ILE A 137 7.54 -5.63 31.01
C ILE A 137 8.53 -6.71 31.38
N HIS A 138 9.80 -6.34 31.58
CA HIS A 138 10.82 -7.36 31.80
C HIS A 138 10.83 -7.83 33.24
N ARG A 139 10.99 -6.86 34.16
CA ARG A 139 10.88 -7.07 35.61
C ARG A 139 12.08 -7.73 36.32
N ASP A 140 13.15 -8.03 35.59
CA ASP A 140 14.32 -8.65 36.23
C ASP A 140 15.60 -8.29 35.51
N ILE A 141 15.75 -7.02 35.16
CA ILE A 141 16.96 -6.52 34.56
C ILE A 141 18.03 -6.54 35.63
N LYS A 142 19.12 -7.25 35.34
CA LYS A 142 20.30 -7.34 36.19
C LYS A 142 21.41 -8.00 35.35
N PRO A 143 22.69 -7.83 35.72
CA PRO A 143 23.79 -8.31 34.88
C PRO A 143 23.69 -9.79 34.50
N GLU A 144 23.26 -10.64 35.43
CA GLU A 144 23.12 -12.08 35.24
C GLU A 144 22.13 -12.47 34.14
N ASN A 145 21.26 -11.54 33.76
CA ASN A 145 20.27 -11.81 32.71
C ASN A 145 20.66 -11.25 31.34
N LEU A 146 21.90 -10.78 31.23
CA LEU A 146 22.40 -10.17 30.00
C LEU A 146 23.59 -10.96 29.45
N LEU A 147 23.59 -11.14 28.13
CA LEU A 147 24.72 -11.73 27.42
C LEU A 147 25.37 -10.66 26.53
N MET A 148 26.49 -11.00 25.87
CA MET A 148 27.21 -10.06 25.03
C MET A 148 27.52 -10.61 23.64
N GLY A 149 27.20 -9.83 22.63
CA GLY A 149 27.44 -10.20 21.24
C GLY A 149 28.88 -10.09 20.80
N TYR A 150 29.10 -10.33 19.51
CA TYR A 150 30.43 -10.35 18.90
C TYR A 150 31.24 -9.08 19.19
N LYS A 151 30.59 -7.92 19.15
CA LYS A 151 31.24 -6.65 19.45
C LYS A 151 30.87 -6.15 20.86
N GLY A 152 30.45 -7.08 21.70
CA GLY A 152 30.13 -6.76 23.09
C GLY A 152 28.75 -6.15 23.31
N GLU A 153 27.90 -6.20 22.29
CA GLU A 153 26.54 -5.64 22.37
C GLU A 153 25.73 -6.36 23.43
N LEU A 154 25.05 -5.58 24.28
CA LEU A 154 24.16 -6.15 25.29
C LEU A 154 23.08 -6.98 24.60
N LYS A 155 22.75 -8.12 25.18
CA LYS A 155 21.66 -8.95 24.70
C LYS A 155 20.83 -9.33 25.92
N ILE A 156 19.59 -8.85 26.00
CA ILE A 156 18.69 -9.31 27.05
C ILE A 156 18.41 -10.77 26.75
N ALA A 157 18.78 -11.64 27.69
CA ALA A 157 18.84 -13.07 27.42
C ALA A 157 17.72 -13.85 28.06
N ASP A 158 17.21 -13.37 29.20
CA ASP A 158 16.27 -14.11 30.03
C ASP A 158 15.01 -13.30 30.25
N PHE A 159 13.85 -13.93 30.04
CA PHE A 159 12.56 -13.29 30.24
C PHE A 159 11.76 -14.01 31.34
N GLY A 160 12.47 -14.52 32.33
CA GLY A 160 11.92 -15.39 33.37
C GLY A 160 10.86 -14.79 34.26
N TRP A 161 10.93 -13.47 34.48
CA TRP A 161 9.92 -12.75 35.24
C TRP A 161 9.01 -11.89 34.35
N SER A 162 9.25 -11.93 33.04
CA SER A 162 8.56 -11.05 32.10
C SER A 162 7.07 -11.33 31.98
N VAL A 163 6.32 -10.30 31.59
CA VAL A 163 4.86 -10.41 31.47
C VAL A 163 4.36 -9.54 30.32
N HIS A 164 3.42 -10.08 29.55
CA HIS A 164 2.66 -9.27 28.62
C HIS A 164 1.50 -8.67 29.41
N ALA A 165 1.51 -7.35 29.56
CA ALA A 165 0.54 -6.65 30.42
C ALA A 165 -0.17 -5.53 29.68
N PRO A 166 -1.14 -5.89 28.81
CA PRO A 166 -1.83 -4.91 27.97
C PRO A 166 -2.71 -3.90 28.71
N SER A 167 -3.44 -4.35 29.72
CA SER A 167 -4.37 -3.46 30.41
C SER A 167 -4.05 -3.33 31.88
N LEU A 168 -4.29 -4.41 32.63
CA LEU A 168 -4.13 -4.43 34.09
C LEU A 168 -2.71 -4.13 34.54
N ARG A 169 -2.59 -3.23 35.51
CA ARG A 169 -1.32 -3.06 36.22
C ARG A 169 -1.08 -4.36 37.02
N ARG A 170 0.15 -4.59 37.43
CA ARG A 170 0.53 -5.88 37.98
C ARG A 170 0.69 -5.89 39.50
N ARG A 171 0.75 -7.09 40.06
CA ARG A 171 0.75 -7.26 41.51
C ARG A 171 1.87 -8.19 42.02
N TPO A 172 2.47 -8.97 41.11
CA TPO A 172 3.47 -9.96 41.50
CB TPO A 172 3.73 -10.96 40.37
CG2 TPO A 172 4.47 -12.20 40.85
OG1 TPO A 172 2.49 -11.37 39.78
P TPO A 172 2.19 -10.99 38.24
O1P TPO A 172 3.20 -11.80 37.47
O2P TPO A 172 2.40 -9.50 38.18
O3P TPO A 172 0.75 -11.45 38.02
C TPO A 172 4.76 -9.33 41.92
O TPO A 172 5.38 -8.58 41.15
N MET A 173 5.19 -9.62 43.14
CA MET A 173 6.51 -9.22 43.59
C MET A 173 7.49 -10.19 42.95
N CYS A 174 8.42 -9.65 42.18
CA CYS A 174 9.33 -10.48 41.41
C CYS A 174 10.61 -9.75 41.06
N GLY A 175 11.62 -10.54 40.70
CA GLY A 175 12.92 -10.01 40.36
C GLY A 175 13.91 -10.43 41.41
N THR A 176 14.79 -9.50 41.76
CA THR A 176 15.93 -9.79 42.60
C THR A 176 16.02 -8.71 43.66
N LEU A 177 16.23 -9.14 44.91
CA LEU A 177 16.22 -8.24 46.08
C LEU A 177 16.81 -6.86 45.84
N ASP A 178 18.06 -6.81 45.39
CA ASP A 178 18.77 -5.55 45.23
C ASP A 178 18.19 -4.67 44.13
N TYR A 179 17.34 -5.26 43.30
CA TYR A 179 16.78 -4.58 42.12
C TYR A 179 15.30 -4.20 42.28
N LEU A 180 14.68 -4.62 43.38
CA LEU A 180 13.26 -4.35 43.61
C LEU A 180 12.96 -2.86 43.76
N PRO A 181 11.97 -2.37 43.01
CA PRO A 181 11.51 -1.00 43.17
C PRO A 181 10.66 -0.84 44.45
N PRO A 182 10.60 0.38 45.01
CA PRO A 182 9.81 0.63 46.22
C PRO A 182 8.37 0.11 46.14
N GLU A 183 7.71 0.27 44.99
CA GLU A 183 6.31 -0.11 44.86
C GLU A 183 6.05 -1.61 45.05
N MET A 184 7.00 -2.44 44.62
CA MET A 184 6.91 -3.88 44.82
C MET A 184 7.07 -4.22 46.30
N ILE A 185 8.11 -3.65 46.92
CA ILE A 185 8.36 -3.85 48.35
C ILE A 185 7.17 -3.43 49.22
N GLU A 186 6.52 -2.33 48.83
CA GLU A 186 5.39 -1.79 49.61
C GLU A 186 4.03 -2.41 49.29
N GLY A 187 4.01 -3.42 48.43
CA GLY A 187 2.78 -4.13 48.07
C GLY A 187 1.81 -3.34 47.22
N LYS A 188 2.32 -2.39 46.45
CA LYS A 188 1.46 -1.61 45.54
C LYS A 188 1.34 -2.35 44.22
N THR A 189 0.39 -1.93 43.38
CA THR A 189 0.40 -2.41 42.01
C THR A 189 1.57 -1.76 41.29
N HIS A 190 2.08 -2.41 40.27
CA HIS A 190 3.18 -1.84 39.49
C HIS A 190 2.86 -1.88 38.01
N ASP A 191 3.66 -1.16 37.23
CA ASP A 191 3.52 -1.14 35.79
C ASP A 191 4.90 -1.23 35.13
N GLU A 192 4.98 -0.84 33.87
CA GLU A 192 6.23 -0.93 33.11
C GLU A 192 7.36 -0.08 33.70
N LYS A 193 7.03 0.90 34.54
CA LYS A 193 8.02 1.81 35.11
C LYS A 193 8.93 1.13 36.12
N VAL A 194 8.60 -0.11 36.49
CA VAL A 194 9.52 -0.93 37.28
C VAL A 194 10.87 -1.12 36.58
N ASP A 195 10.83 -1.24 35.24
CA ASP A 195 12.03 -1.47 34.43
C ASP A 195 12.92 -0.24 34.40
N LEU A 196 12.31 0.95 34.57
CA LEU A 196 13.06 2.20 34.67
C LEU A 196 13.90 2.18 35.93
N TRP A 197 13.28 1.80 37.04
CA TRP A 197 13.98 1.65 38.31
C TRP A 197 15.13 0.66 38.20
N CYS A 198 14.87 -0.53 37.68
CA CYS A 198 15.91 -1.55 37.53
C CYS A 198 17.06 -1.10 36.63
N ALA A 199 16.76 -0.28 35.61
CA ALA A 199 17.80 0.29 34.74
C ALA A 199 18.76 1.20 35.53
N GLY A 200 18.20 1.98 36.46
CA GLY A 200 18.99 2.84 37.35
C GLY A 200 19.87 2.03 38.27
N VAL A 201 19.32 0.97 38.83
CA VAL A 201 20.10 0.06 39.69
C VAL A 201 21.24 -0.55 38.87
N LEU A 202 20.92 -0.99 37.65
CA LEU A 202 21.89 -1.60 36.75
C LEU A 202 23.03 -0.64 36.40
N CYS A 203 22.68 0.60 36.05
CA CYS A 203 23.69 1.61 35.71
C CYS A 203 24.66 1.82 36.87
N TYR A 204 24.10 1.95 38.08
CA TYR A 204 24.89 2.07 39.31
C TYR A 204 25.81 0.86 39.47
N GLU A 205 25.26 -0.34 39.37
CA GLU A 205 26.08 -1.54 39.52
C GLU A 205 27.18 -1.64 38.44
N PHE A 206 26.85 -1.26 37.21
CA PHE A 206 27.86 -1.22 36.14
C PHE A 206 29.10 -0.39 36.56
N LEU A 207 28.82 0.80 37.08
CA LEU A 207 29.85 1.81 37.35
C LEU A 207 30.56 1.64 38.70
N VAL A 208 29.88 1.01 39.65
CA VAL A 208 30.39 0.88 41.03
C VAL A 208 30.83 -0.57 41.32
N GLY A 209 30.12 -1.53 40.75
CA GLY A 209 30.44 -2.94 40.95
C GLY A 209 29.65 -3.58 42.08
N MET A 210 28.82 -2.77 42.72
CA MET A 210 27.91 -3.23 43.76
C MET A 210 26.58 -2.51 43.51
N PRO A 211 25.43 -3.17 43.79
CA PRO A 211 24.16 -2.45 43.66
C PRO A 211 24.03 -1.42 44.81
N PRO A 212 23.23 -0.35 44.58
CA PRO A 212 23.24 0.81 45.48
C PRO A 212 22.69 0.59 46.88
N PHE A 213 21.86 -0.43 47.07
CA PHE A 213 21.18 -0.63 48.35
C PHE A 213 21.64 -1.88 49.08
N ASP A 214 22.85 -2.32 48.71
CA ASP A 214 23.54 -3.47 49.30
C ASP A 214 23.51 -3.44 50.84
N SER A 215 23.00 -4.51 51.42
N SER A 215 23.00 -4.51 51.43
CA SER A 215 22.94 -4.67 52.89
CA SER A 215 23.00 -4.66 52.89
C SER A 215 22.95 -6.15 53.30
C SER A 215 22.98 -6.14 53.29
N PRO A 216 23.45 -6.45 54.52
CA PRO A 216 23.45 -7.85 55.01
C PRO A 216 22.07 -8.46 55.31
N SER A 217 21.04 -7.63 55.45
CA SER A 217 19.71 -8.18 55.72
C SER A 217 18.65 -7.70 54.73
N HIS A 218 17.70 -8.58 54.44
CA HIS A 218 16.51 -8.26 53.64
C HIS A 218 15.81 -6.98 54.14
N THR A 219 15.66 -6.84 55.45
CA THR A 219 14.91 -5.70 56.01
C THR A 219 15.66 -4.37 55.85
N GLU A 220 16.98 -4.39 56.02
CA GLU A 220 17.78 -3.19 55.80
C GLU A 220 17.83 -2.81 54.32
N THR A 221 17.87 -3.81 53.45
CA THR A 221 17.84 -3.56 52.00
C THR A 221 16.50 -2.92 51.61
N HIS A 222 15.41 -3.54 52.06
CA HIS A 222 14.06 -2.99 51.89
C HIS A 222 13.97 -1.54 52.36
N ARG A 223 14.57 -1.27 53.51
CA ARG A 223 14.53 0.06 54.10
C ARG A 223 15.25 1.08 53.23
N ARG A 224 16.44 0.72 52.76
CA ARG A 224 17.24 1.61 51.92
C ARG A 224 16.57 1.91 50.58
N ILE A 225 15.91 0.92 50.02
CA ILE A 225 15.19 1.06 48.75
C ILE A 225 14.04 2.06 48.87
N VAL A 226 13.16 1.85 49.85
CA VAL A 226 11.96 2.70 50.02
C VAL A 226 12.27 4.13 50.47
N ASN A 227 13.45 4.31 51.06
CA ASN A 227 13.96 5.63 51.38
C ASN A 227 14.80 6.19 50.27
N VAL A 228 15.01 5.38 49.22
CA VAL A 228 15.98 5.70 48.15
C VAL A 228 17.28 6.25 48.77
N ASP A 229 17.88 5.43 49.64
CA ASP A 229 19.08 5.79 50.38
C ASP A 229 20.32 5.64 49.51
N LEU A 230 20.37 6.49 48.49
CA LEU A 230 21.40 6.45 47.46
C LEU A 230 22.64 7.20 47.96
N LYS A 231 23.78 6.51 47.98
CA LYS A 231 25.05 7.10 48.40
C LYS A 231 26.09 6.92 47.31
N PHE A 232 26.31 7.98 46.53
CA PHE A 232 27.22 7.94 45.41
C PHE A 232 28.69 7.95 45.80
N PRO A 233 29.44 6.92 45.37
CA PRO A 233 30.90 6.96 45.52
C PRO A 233 31.48 8.20 44.81
N PRO A 234 32.57 8.76 45.36
CA PRO A 234 33.18 10.00 44.86
C PRO A 234 33.74 9.96 43.44
N PHE A 235 34.07 8.78 42.93
CA PHE A 235 34.68 8.66 41.60
C PHE A 235 33.70 8.79 40.44
N LEU A 236 32.40 8.73 40.76
CA LEU A 236 31.36 8.85 39.75
C LEU A 236 31.31 10.26 39.15
N SER A 237 31.18 10.34 37.84
CA SER A 237 30.98 11.63 37.18
C SER A 237 29.61 12.22 37.51
N ASP A 238 29.50 13.54 37.38
CA ASP A 238 28.23 14.24 37.56
C ASP A 238 27.17 13.71 36.59
N GLY A 239 27.58 13.44 35.34
CA GLY A 239 26.67 12.92 34.33
C GLY A 239 26.06 11.57 34.67
N SER A 240 26.90 10.62 35.10
CA SER A 240 26.41 9.30 35.48
C SER A 240 25.46 9.39 36.69
N LYS A 241 25.84 10.19 37.69
CA LYS A 241 24.98 10.42 38.87
C LYS A 241 23.66 11.05 38.48
N ASP A 242 23.70 11.96 37.51
CA ASP A 242 22.48 12.61 37.02
C ASP A 242 21.51 11.58 36.46
N LEU A 243 22.00 10.68 35.60
CA LEU A 243 21.17 9.63 35.00
C LEU A 243 20.60 8.68 36.04
N ILE A 244 21.48 8.17 36.91
CA ILE A 244 21.05 7.25 37.98
C ILE A 244 19.97 7.90 38.85
N SER A 245 20.22 9.11 39.31
CA SER A 245 19.27 9.85 40.15
C SER A 245 17.93 10.07 39.47
N LYS A 246 17.95 10.22 38.15
CA LYS A 246 16.72 10.45 37.40
C LYS A 246 15.92 9.17 37.18
N LEU A 247 16.60 8.03 37.29
CA LEU A 247 15.95 6.72 37.15
C LEU A 247 15.48 6.18 38.51
N LEU A 248 16.30 6.36 39.54
CA LEU A 248 15.97 5.88 40.89
C LEU A 248 15.07 6.88 41.66
N ARG A 249 13.89 7.13 41.10
N ARG A 249 13.88 7.13 41.12
CA ARG A 249 12.89 7.98 41.73
CA ARG A 249 12.93 8.03 41.75
C ARG A 249 11.90 7.10 42.47
C ARG A 249 11.84 7.19 42.42
N TYR A 250 11.51 7.55 43.66
CA TYR A 250 10.49 6.87 44.43
C TYR A 250 9.19 6.74 43.64
N HIS A 251 8.72 7.84 43.07
CA HIS A 251 7.45 7.84 42.35
C HIS A 251 7.63 7.37 40.92
N PRO A 252 7.04 6.20 40.58
CA PRO A 252 7.24 5.71 39.21
C PRO A 252 7.02 6.75 38.10
N PRO A 253 5.94 7.58 38.16
CA PRO A 253 5.72 8.51 37.05
C PRO A 253 6.80 9.60 36.92
N GLN A 254 7.62 9.76 37.95
CA GLN A 254 8.70 10.75 37.86
C GLN A 254 10.01 10.20 37.30
N ARG A 255 10.08 8.90 37.05
CA ARG A 255 11.29 8.28 36.55
C ARG A 255 11.52 8.67 35.10
N LEU A 256 12.78 8.90 34.75
CA LEU A 256 13.16 9.24 33.37
C LEU A 256 12.69 8.15 32.41
N PRO A 257 11.89 8.52 31.39
CA PRO A 257 11.45 7.53 30.39
C PRO A 257 12.61 6.91 29.64
N LEU A 258 12.39 5.73 29.06
CA LEU A 258 13.44 5.04 28.29
C LEU A 258 14.03 5.92 27.16
N LYS A 259 13.16 6.61 26.42
CA LYS A 259 13.62 7.57 25.40
C LYS A 259 14.54 8.61 26.04
N GLY A 260 14.21 9.02 27.26
CA GLY A 260 15.03 9.96 28.05
C GLY A 260 16.41 9.45 28.42
N VAL A 261 16.51 8.15 28.69
CA VAL A 261 17.81 7.51 28.94
C VAL A 261 18.66 7.56 27.66
N MET A 262 18.07 7.16 26.54
CA MET A 262 18.74 7.21 25.22
C MET A 262 19.25 8.60 24.84
N GLU A 263 18.48 9.62 25.24
CA GLU A 263 18.75 11.03 24.95
C GLU A 263 19.58 11.73 26.02
N HIS A 264 19.83 11.05 27.14
CA HIS A 264 20.54 11.70 28.23
C HIS A 264 21.94 12.12 27.76
N PRO A 265 22.38 13.35 28.10
CA PRO A 265 23.67 13.84 27.62
C PRO A 265 24.86 12.95 27.95
N TRP A 266 24.85 12.30 29.13
CA TRP A 266 25.93 11.40 29.55
C TRP A 266 25.99 10.15 28.66
N VAL A 267 24.81 9.64 28.31
CA VAL A 267 24.73 8.54 27.35
C VAL A 267 25.22 8.96 25.97
N LYS A 268 24.76 10.12 25.49
CA LYS A 268 25.21 10.64 24.20
C LYS A 268 26.74 10.82 24.17
N ALA A 269 27.29 11.38 25.24
CA ALA A 269 28.71 11.73 25.28
C ALA A 269 29.65 10.53 25.38
N ASN A 270 29.16 9.43 25.93
CA ASN A 270 30.00 8.27 26.26
C ASN A 270 29.72 6.95 25.55
N SER A 271 28.48 6.77 25.09
CA SER A 271 28.13 5.55 24.37
C SER A 271 28.86 5.42 23.05
N ARG A 272 29.40 4.23 22.81
CA ARG A 272 30.00 3.90 21.52
C ARG A 272 29.24 2.71 20.94
N ARG A 273 27.91 2.83 20.93
CA ARG A 273 27.04 1.76 20.51
C ARG A 273 27.12 1.53 19.01
N VAL A 274 27.25 0.26 18.62
CA VAL A 274 27.31 -0.11 17.21
C VAL A 274 26.18 -1.09 16.95
N LEU A 275 25.40 -0.86 15.90
CA LEU A 275 24.34 -1.78 15.52
C LEU A 275 24.91 -2.90 14.67
N PRO A 276 24.52 -4.15 14.95
CA PRO A 276 25.07 -5.26 14.18
C PRO A 276 24.60 -5.16 12.73
N PRO A 277 25.42 -5.63 11.77
CA PRO A 277 24.95 -5.75 10.39
C PRO A 277 23.66 -6.56 10.30
N VAL A 278 22.74 -6.11 9.46
CA VAL A 278 21.49 -6.83 9.24
C VAL A 278 21.46 -7.38 7.79
N TYR A 279 20.80 -8.51 7.59
CA TYR A 279 20.70 -9.14 6.27
C TYR A 279 20.20 -8.17 5.19
N ASN B 1 -42.01 47.69 -37.01
CA ASN B 1 -41.14 47.74 -35.78
C ASN B 1 -39.73 47.15 -35.98
N THR B 2 -39.50 46.56 -37.16
CA THR B 2 -38.20 45.93 -37.47
C THR B 2 -37.06 46.95 -37.62
N ALA B 3 -37.42 48.21 -37.87
CA ALA B 3 -36.47 49.31 -37.94
C ALA B 3 -35.95 49.73 -36.55
N LEU B 4 -36.59 49.22 -35.51
CA LEU B 4 -36.19 49.53 -34.14
C LEU B 4 -35.83 48.28 -33.33
N ALA B 5 -36.01 47.11 -33.95
CA ALA B 5 -35.69 45.82 -33.33
C ALA B 5 -34.24 45.77 -32.85
N GLU B 6 -34.01 45.10 -31.73
CA GLU B 6 -32.66 44.93 -31.19
C GLU B 6 -31.73 44.29 -32.23
N MET B 7 -30.55 44.88 -32.38
CA MET B 7 -29.55 44.40 -33.32
C MET B 7 -29.11 42.98 -32.93
N PRO B 8 -28.99 42.07 -33.92
CA PRO B 8 -28.60 40.69 -33.66
C PRO B 8 -27.12 40.59 -33.28
N LYS B 9 -26.83 39.70 -32.34
CA LYS B 9 -25.47 39.44 -31.93
C LYS B 9 -24.69 38.74 -33.04
N ARG B 10 -23.38 38.94 -33.03
CA ARG B 10 -22.49 38.33 -34.00
C ARG B 10 -22.48 36.82 -33.81
N LYS B 11 -22.27 36.12 -34.92
CA LYS B 11 -22.06 34.69 -34.89
C LYS B 11 -20.73 34.44 -35.59
N PHE B 12 -20.17 33.25 -35.42
CA PHE B 12 -18.97 32.92 -36.18
C PHE B 12 -19.32 32.84 -37.65
N THR B 13 -18.34 33.16 -38.49
CA THR B 13 -18.48 33.00 -39.93
C THR B 13 -17.21 32.31 -40.40
N ILE B 14 -17.21 31.88 -41.66
CA ILE B 14 -16.06 31.17 -42.22
C ILE B 14 -14.77 32.02 -42.21
N ASP B 15 -14.92 33.34 -42.24
CA ASP B 15 -13.77 34.24 -42.27
C ASP B 15 -13.08 34.34 -40.92
N ASP B 16 -13.66 33.73 -39.90
CA ASP B 16 -13.03 33.69 -38.56
C ASP B 16 -11.97 32.61 -38.41
N PHE B 17 -11.72 31.84 -39.47
CA PHE B 17 -10.87 30.66 -39.40
C PHE B 17 -9.79 30.61 -40.47
N ASP B 18 -8.59 30.18 -40.09
CA ASP B 18 -7.56 29.74 -41.04
C ASP B 18 -7.86 28.28 -41.29
N ILE B 19 -8.07 27.91 -42.55
CA ILE B 19 -8.35 26.51 -42.88
C ILE B 19 -7.06 25.75 -43.18
N GLY B 20 -6.92 24.59 -42.55
CA GLY B 20 -5.82 23.69 -42.83
C GLY B 20 -6.27 22.63 -43.82
N ARG B 21 -5.85 21.40 -43.61
CA ARG B 21 -6.23 20.31 -44.50
C ARG B 21 -7.42 19.51 -43.95
N PRO B 22 -8.08 18.71 -44.83
CA PRO B 22 -9.04 17.70 -44.39
C PRO B 22 -8.43 16.71 -43.39
N LEU B 23 -9.23 16.27 -42.44
CA LEU B 23 -8.76 15.34 -41.41
C LEU B 23 -8.93 13.85 -41.77
N GLY B 24 -10.07 13.46 -42.36
CA GLY B 24 -11.17 14.36 -42.72
C GLY B 24 -12.48 13.65 -43.02
N GLY B 29 -19.78 16.71 -45.65
CA GLY B 29 -19.39 16.00 -44.44
C GLY B 29 -17.90 15.97 -44.19
N ASN B 30 -17.15 16.80 -44.91
CA ASN B 30 -15.72 16.85 -44.69
C ASN B 30 -15.37 17.65 -43.45
N VAL B 31 -14.34 17.19 -42.74
CA VAL B 31 -13.91 17.79 -41.49
C VAL B 31 -12.50 18.32 -41.69
N TYR B 32 -12.30 19.58 -41.37
CA TYR B 32 -11.05 20.27 -41.66
C TYR B 32 -10.34 20.66 -40.38
N LEU B 33 -9.03 20.52 -40.37
CA LEU B 33 -8.23 21.18 -39.35
C LEU B 33 -8.40 22.68 -39.59
N ALA B 34 -8.74 23.40 -38.54
CA ALA B 34 -8.95 24.85 -38.61
C ALA B 34 -8.29 25.53 -37.43
N ARG B 35 -7.98 26.81 -37.58
CA ARG B 35 -7.47 27.62 -36.49
C ARG B 35 -8.35 28.84 -36.40
N GLU B 36 -8.98 29.05 -35.25
CA GLU B 36 -9.79 30.23 -35.02
C GLU B 36 -8.82 31.41 -34.84
N LYS B 37 -9.01 32.46 -35.61
CA LYS B 37 -8.01 33.54 -35.73
C LYS B 37 -7.75 34.35 -34.45
N GLN B 38 -8.82 34.79 -33.78
CA GLN B 38 -8.69 35.67 -32.61
C GLN B 38 -7.84 35.02 -31.49
N ASN B 39 -8.08 33.74 -31.25
CA ASN B 39 -7.41 33.03 -30.16
C ASN B 39 -6.28 32.12 -30.61
N LYS B 40 -6.05 32.08 -31.92
CA LYS B 40 -5.05 31.19 -32.53
C LYS B 40 -5.27 29.75 -32.06
N PHE B 41 -6.54 29.36 -31.97
CA PHE B 41 -6.96 28.11 -31.34
C PHE B 41 -7.35 27.05 -32.37
N ILE B 42 -6.65 25.92 -32.34
CA ILE B 42 -6.79 24.87 -33.33
C ILE B 42 -7.99 24.01 -32.98
N MET B 43 -8.84 23.78 -33.98
CA MET B 43 -10.04 22.98 -33.82
C MET B 43 -10.35 22.26 -35.12
N ALA B 44 -11.46 21.53 -35.14
CA ALA B 44 -11.89 20.89 -36.37
C ALA B 44 -13.16 21.57 -36.82
N LEU B 45 -13.31 21.73 -38.13
CA LEU B 45 -14.49 22.37 -38.68
C LEU B 45 -15.16 21.40 -39.65
N LYS B 46 -16.33 20.92 -39.25
CA LYS B 46 -17.11 20.02 -40.10
C LYS B 46 -18.06 20.82 -40.98
N VAL B 47 -17.97 20.61 -42.28
CA VAL B 47 -18.75 21.35 -43.25
C VAL B 47 -19.77 20.41 -43.88
N LEU B 48 -21.04 20.78 -43.74
CA LEU B 48 -22.15 20.00 -44.28
C LEU B 48 -22.87 20.81 -45.34
N PHE B 49 -23.19 20.16 -46.46
CA PHE B 49 -23.89 20.82 -47.55
C PHE B 49 -25.39 20.62 -47.38
N LYS B 50 -26.12 21.74 -47.28
CA LYS B 50 -27.55 21.74 -47.00
C LYS B 50 -28.36 20.95 -48.04
N SER B 51 -27.93 21.01 -49.30
CA SER B 51 -28.58 20.29 -50.39
C SER B 51 -28.33 18.78 -50.31
N GLN B 52 -27.15 18.40 -49.81
CA GLN B 52 -26.81 16.99 -49.61
C GLN B 52 -27.52 16.41 -48.39
N LEU B 53 -27.79 17.25 -47.39
CA LEU B 53 -28.53 16.83 -46.20
C LEU B 53 -30.00 16.56 -46.52
N GLU B 54 -30.60 17.44 -47.32
CA GLU B 54 -31.98 17.25 -47.79
C GLU B 54 -32.09 16.06 -48.76
N LYS B 55 -30.93 15.52 -49.14
CA LYS B 55 -30.84 14.45 -50.12
C LYS B 55 -30.76 13.06 -49.46
N GLU B 56 -30.99 13.01 -48.14
CA GLU B 56 -31.01 11.72 -47.45
C GLU B 56 -32.43 11.30 -46.96
N GLY B 57 -32.97 11.92 -45.90
CA GLY B 57 -32.35 12.93 -45.04
C GLY B 57 -33.27 13.10 -43.83
N VAL B 58 -32.78 13.19 -42.59
CA VAL B 58 -31.37 13.40 -42.16
C VAL B 58 -31.14 14.82 -41.63
N GLU B 59 -31.87 15.80 -42.18
CA GLU B 59 -31.83 17.16 -41.67
C GLU B 59 -32.43 17.24 -40.26
N HIS B 60 -33.30 16.29 -39.94
CA HIS B 60 -33.88 16.17 -38.61
C HIS B 60 -32.97 15.38 -37.68
N GLN B 61 -32.26 14.40 -38.23
CA GLN B 61 -31.23 13.66 -37.49
C GLN B 61 -30.12 14.62 -37.06
N LEU B 62 -29.66 15.45 -38.00
CA LEU B 62 -28.62 16.44 -37.73
C LEU B 62 -29.09 17.45 -36.68
N ARG B 63 -30.33 17.90 -36.80
CA ARG B 63 -30.93 18.86 -35.87
C ARG B 63 -30.87 18.33 -34.44
N ARG B 64 -31.21 17.06 -34.27
CA ARG B 64 -31.17 16.40 -32.96
C ARG B 64 -29.73 16.27 -32.47
N GLU B 65 -28.82 15.91 -33.38
CA GLU B 65 -27.40 15.75 -33.04
C GLU B 65 -26.75 17.03 -32.51
N ILE B 66 -27.00 18.14 -33.20
CA ILE B 66 -26.44 19.44 -32.80
C ILE B 66 -27.00 19.87 -31.45
N GLU B 67 -28.32 19.73 -31.31
CA GLU B 67 -29.00 20.09 -30.07
C GLU B 67 -28.39 19.35 -28.87
N ILE B 68 -28.12 18.06 -29.04
CA ILE B 68 -27.54 17.25 -27.97
C ILE B 68 -26.08 17.62 -27.70
N GLN B 69 -25.22 17.51 -28.71
CA GLN B 69 -23.77 17.66 -28.50
C GLN B 69 -23.37 19.09 -28.10
N SER B 70 -24.13 20.08 -28.59
CA SER B 70 -23.82 21.49 -28.32
C SER B 70 -23.91 21.82 -26.83
N HIS B 71 -24.67 21.02 -26.10
CA HIS B 71 -24.92 21.25 -24.67
C HIS B 71 -24.05 20.40 -23.72
N LEU B 72 -23.28 19.47 -24.27
CA LEU B 72 -22.45 18.60 -23.44
C LEU B 72 -21.04 19.13 -23.28
N ARG B 73 -20.62 19.28 -22.03
CA ARG B 73 -19.29 19.79 -21.73
C ARG B 73 -18.62 18.85 -20.73
N HIS B 74 -17.81 17.94 -21.25
CA HIS B 74 -17.13 16.92 -20.43
C HIS B 74 -15.78 16.59 -21.07
N PRO B 75 -14.73 16.37 -20.25
CA PRO B 75 -13.39 16.12 -20.80
C PRO B 75 -13.28 14.87 -21.68
N ASN B 76 -14.27 13.97 -21.60
CA ASN B 76 -14.26 12.76 -22.40
C ASN B 76 -15.40 12.70 -23.38
N ILE B 77 -15.97 13.87 -23.67
CA ILE B 77 -16.95 14.05 -24.74
C ILE B 77 -16.39 15.10 -25.71
N LEU B 78 -16.36 14.76 -26.99
CA LEU B 78 -15.81 15.68 -27.98
C LEU B 78 -16.66 16.95 -28.00
N ARG B 79 -16.02 18.09 -27.69
CA ARG B 79 -16.72 19.37 -27.60
C ARG B 79 -17.22 19.89 -28.93
N MET B 80 -18.46 20.36 -28.96
CA MET B 80 -18.92 21.21 -30.05
C MET B 80 -18.97 22.63 -29.49
N TYR B 81 -17.98 23.43 -29.86
CA TYR B 81 -17.81 24.79 -29.34
C TYR B 81 -18.95 25.72 -29.74
N ASN B 82 -19.33 25.64 -31.01
CA ASN B 82 -20.39 26.44 -31.58
C ASN B 82 -20.67 25.94 -33.00
N TYR B 83 -21.56 26.63 -33.70
CA TYR B 83 -21.88 26.32 -35.09
C TYR B 83 -22.42 27.56 -35.79
N PHE B 84 -22.40 27.51 -37.12
CA PHE B 84 -22.91 28.60 -37.94
C PHE B 84 -23.27 28.09 -39.32
N HIS B 85 -23.82 28.96 -40.17
CA HIS B 85 -24.18 28.54 -41.51
C HIS B 85 -24.17 29.69 -42.52
N ASP B 86 -24.02 29.35 -43.79
CA ASP B 86 -24.29 30.31 -44.86
C ASP B 86 -25.39 29.75 -45.76
N ARG B 87 -25.59 30.36 -46.93
CA ARG B 87 -26.71 29.99 -47.80
C ARG B 87 -26.69 28.50 -48.20
N LYS B 88 -25.49 27.92 -48.26
CA LYS B 88 -25.33 26.55 -48.78
C LYS B 88 -24.75 25.52 -47.80
N ARG B 89 -24.18 25.99 -46.69
CA ARG B 89 -23.45 25.09 -45.78
C ARG B 89 -23.75 25.34 -44.31
N ILE B 90 -23.59 24.29 -43.51
CA ILE B 90 -23.66 24.35 -42.05
C ILE B 90 -22.29 23.95 -41.55
N TYR B 91 -21.77 24.73 -40.60
CA TYR B 91 -20.40 24.55 -40.11
C TYR B 91 -20.43 24.20 -38.63
N LEU B 92 -19.78 23.11 -38.25
CA LEU B 92 -19.74 22.69 -36.86
C LEU B 92 -18.32 22.87 -36.35
N MET B 93 -18.18 23.65 -35.29
CA MET B 93 -16.88 23.90 -34.68
C MET B 93 -16.65 22.85 -33.62
N LEU B 94 -15.69 21.98 -33.85
CA LEU B 94 -15.50 20.81 -32.98
C LEU B 94 -14.12 20.79 -32.35
N GLU B 95 -14.05 20.21 -31.16
CA GLU B 95 -12.78 19.90 -30.53
C GLU B 95 -11.91 19.04 -31.47
N PHE B 96 -10.65 19.44 -31.65
CA PHE B 96 -9.69 18.61 -32.36
C PHE B 96 -9.17 17.51 -31.42
N ALA B 97 -9.26 16.26 -31.86
CA ALA B 97 -8.69 15.12 -31.13
C ALA B 97 -7.37 14.70 -31.78
N PRO B 98 -6.23 15.13 -31.19
CA PRO B 98 -4.93 15.01 -31.86
C PRO B 98 -4.50 13.58 -32.17
N ARG B 99 -4.90 12.62 -31.32
CA ARG B 99 -4.50 11.23 -31.50
C ARG B 99 -5.46 10.43 -32.40
N GLY B 100 -6.53 11.09 -32.82
CA GLY B 100 -7.37 10.55 -33.88
C GLY B 100 -8.26 9.39 -33.46
N GLU B 101 -8.50 8.50 -34.42
CA GLU B 101 -9.50 7.45 -34.29
C GLU B 101 -9.05 6.33 -33.37
N LEU B 102 -9.85 6.03 -32.35
CA LEU B 102 -9.56 4.92 -31.44
C LEU B 102 -9.55 3.58 -32.17
N TYR B 103 -10.47 3.42 -33.13
CA TYR B 103 -10.61 2.18 -33.89
C TYR B 103 -9.31 1.81 -34.61
N LYS B 104 -8.63 2.81 -35.17
CA LYS B 104 -7.38 2.57 -35.90
C LYS B 104 -6.27 2.14 -34.95
N GLU B 105 -6.28 2.70 -33.76
CA GLU B 105 -5.35 2.30 -32.70
C GLU B 105 -5.60 0.86 -32.25
N LEU B 106 -6.86 0.48 -32.11
CA LEU B 106 -7.20 -0.90 -31.76
C LEU B 106 -6.71 -1.88 -32.83
N GLN B 107 -7.02 -1.57 -34.10
CA GLN B 107 -6.56 -2.34 -35.26
C GLN B 107 -5.05 -2.54 -35.21
N LYS B 108 -4.34 -1.44 -35.04
CA LYS B 108 -2.89 -1.41 -35.04
C LYS B 108 -2.27 -2.33 -33.99
N HIS B 109 -2.89 -2.36 -32.81
CA HIS B 109 -2.37 -3.10 -31.67
C HIS B 109 -2.96 -4.50 -31.53
N GLY B 110 -4.05 -4.77 -32.23
CA GLY B 110 -4.78 -6.02 -32.06
C GLY B 110 -5.72 -5.96 -30.86
N ARG B 111 -5.16 -5.68 -29.69
CA ARG B 111 -5.94 -5.53 -28.47
C ARG B 111 -5.21 -4.58 -27.53
N PHE B 112 -5.94 -3.90 -26.65
CA PHE B 112 -5.32 -3.03 -25.65
C PHE B 112 -4.97 -3.80 -24.40
N ASP B 113 -3.93 -3.35 -23.70
CA ASP B 113 -3.58 -3.95 -22.42
C ASP B 113 -4.56 -3.50 -21.35
N GLU B 114 -4.43 -4.07 -20.16
CA GLU B 114 -5.39 -3.82 -19.09
C GLU B 114 -5.41 -2.40 -18.58
N GLN B 115 -4.26 -1.74 -18.56
CA GLN B 115 -4.18 -0.35 -18.12
C GLN B 115 -4.88 0.61 -19.09
N ARG B 116 -4.60 0.44 -20.39
CA ARG B 116 -5.26 1.23 -21.42
C ARG B 116 -6.78 1.03 -21.41
N SER B 117 -7.19 -0.23 -21.33
CA SER B 117 -8.60 -0.60 -21.35
C SER B 117 -9.34 -0.06 -20.13
N ALA B 118 -8.77 -0.25 -18.95
CA ALA B 118 -9.40 0.22 -17.72
C ALA B 118 -9.53 1.75 -17.71
N THR B 119 -8.48 2.44 -18.17
CA THR B 119 -8.49 3.90 -18.32
C THR B 119 -9.64 4.36 -19.22
N PHE B 120 -9.74 3.76 -20.40
CA PHE B 120 -10.82 4.05 -21.33
C PHE B 120 -12.19 3.80 -20.68
N MET B 121 -12.29 2.74 -19.89
CA MET B 121 -13.57 2.38 -19.25
C MET B 121 -13.97 3.38 -18.18
N GLU B 122 -13.00 3.82 -17.36
CA GLU B 122 -13.31 4.87 -16.40
C GLU B 122 -13.80 6.13 -17.12
N GLU B 123 -13.11 6.51 -18.19
CA GLU B 123 -13.46 7.71 -18.97
C GLU B 123 -14.85 7.57 -19.61
N LEU B 124 -15.09 6.40 -20.19
CA LEU B 124 -16.39 6.14 -20.81
C LEU B 124 -17.52 6.24 -19.80
N ALA B 125 -17.34 5.58 -18.65
CA ALA B 125 -18.40 5.52 -17.63
C ALA B 125 -18.71 6.90 -17.06
N ASP B 126 -17.66 7.70 -16.88
CA ASP B 126 -17.79 9.08 -16.42
C ASP B 126 -18.59 9.93 -17.44
N ALA B 127 -18.22 9.86 -18.72
CA ALA B 127 -18.90 10.60 -19.80
C ALA B 127 -20.34 10.16 -19.92
N LEU B 128 -20.58 8.84 -19.91
CA LEU B 128 -21.93 8.29 -20.02
C LEU B 128 -22.82 8.68 -18.84
N HIS B 129 -22.27 8.62 -17.64
CA HIS B 129 -22.98 9.11 -16.45
C HIS B 129 -23.41 10.57 -16.59
N TYR B 130 -22.51 11.41 -17.09
CA TYR B 130 -22.80 12.82 -17.37
C TYR B 130 -23.98 12.94 -18.35
N CYS B 131 -23.95 12.11 -19.39
CA CYS B 131 -25.03 12.09 -20.39
C CYS B 131 -26.38 11.68 -19.79
N HIS B 132 -26.36 10.59 -19.01
CA HIS B 132 -27.59 10.04 -18.42
C HIS B 132 -28.20 11.01 -17.42
N GLU B 133 -27.36 11.73 -16.67
CA GLU B 133 -27.81 12.78 -15.75
C GLU B 133 -28.66 13.83 -16.47
N ARG B 134 -28.34 14.06 -17.73
CA ARG B 134 -29.03 15.02 -18.58
C ARG B 134 -30.09 14.36 -19.47
N LYS B 135 -30.39 13.10 -19.17
CA LYS B 135 -31.37 12.30 -19.92
C LYS B 135 -30.95 12.12 -21.37
N VAL B 136 -29.65 12.09 -21.61
CA VAL B 136 -29.15 11.81 -22.95
C VAL B 136 -28.67 10.36 -22.96
N ILE B 137 -29.22 9.56 -23.88
CA ILE B 137 -28.77 8.19 -24.10
C ILE B 137 -27.99 8.20 -25.39
N HIS B 138 -26.83 7.57 -25.40
CA HIS B 138 -25.96 7.64 -26.56
C HIS B 138 -26.39 6.67 -27.67
N ARG B 139 -26.52 5.39 -27.29
CA ARG B 139 -27.11 4.32 -28.11
C ARG B 139 -26.23 3.73 -29.21
N ASP B 140 -25.02 4.24 -29.34
CA ASP B 140 -24.09 3.68 -30.33
C ASP B 140 -22.63 3.75 -29.90
N ILE B 141 -22.36 3.42 -28.64
CA ILE B 141 -20.98 3.31 -28.18
C ILE B 141 -20.32 2.11 -28.88
N LYS B 142 -19.20 2.38 -29.53
CA LYS B 142 -18.39 1.40 -30.27
C LYS B 142 -17.06 2.09 -30.64
N PRO B 143 -16.02 1.31 -30.99
CA PRO B 143 -14.70 1.93 -31.24
C PRO B 143 -14.72 3.06 -32.28
N GLU B 144 -15.49 2.88 -33.34
CA GLU B 144 -15.57 3.85 -34.45
C GLU B 144 -16.15 5.21 -34.07
N ASN B 145 -16.82 5.28 -32.91
CA ASN B 145 -17.43 6.52 -32.43
C ASN B 145 -16.60 7.22 -31.36
N LEU B 146 -15.38 6.73 -31.18
CA LEU B 146 -14.49 7.28 -30.16
C LEU B 146 -13.21 7.82 -30.78
N LEU B 147 -12.79 8.99 -30.29
CA LEU B 147 -11.53 9.60 -30.70
C LEU B 147 -10.62 9.70 -29.49
N MET B 148 -9.38 10.17 -29.68
CA MET B 148 -8.45 10.25 -28.57
C MET B 148 -7.79 11.63 -28.49
N GLY B 149 -7.76 12.17 -27.27
CA GLY B 149 -7.12 13.45 -26.98
C GLY B 149 -5.60 13.40 -27.01
N TYR B 150 -4.99 14.53 -26.66
CA TYR B 150 -3.54 14.67 -26.68
C TYR B 150 -2.77 13.63 -25.84
N LYS B 151 -3.28 13.33 -24.64
CA LYS B 151 -2.70 12.30 -23.78
C LYS B 151 -3.45 10.96 -23.88
N GLY B 152 -4.17 10.78 -24.99
CA GLY B 152 -4.85 9.54 -25.28
C GLY B 152 -6.23 9.40 -24.65
N GLU B 153 -6.72 10.48 -24.02
CA GLU B 153 -8.02 10.41 -23.33
C GLU B 153 -9.16 10.11 -24.30
N LEU B 154 -10.06 9.23 -23.87
CA LEU B 154 -11.20 8.85 -24.67
C LEU B 154 -12.05 10.09 -24.91
N LYS B 155 -12.57 10.22 -26.12
CA LYS B 155 -13.54 11.25 -26.46
C LYS B 155 -14.71 10.63 -27.21
N ILE B 156 -15.89 10.62 -26.60
CA ILE B 156 -17.11 10.23 -27.32
C ILE B 156 -17.35 11.29 -28.40
N ALA B 157 -17.36 10.86 -29.66
CA ALA B 157 -17.27 11.81 -30.76
C ALA B 157 -18.51 11.93 -31.66
N ASP B 158 -19.29 10.87 -31.74
CA ASP B 158 -20.36 10.74 -32.74
C ASP B 158 -21.68 10.48 -32.03
N PHE B 159 -22.56 11.48 -32.06
CA PHE B 159 -23.84 11.40 -31.36
C PHE B 159 -25.01 11.19 -32.32
N GLY B 160 -24.72 10.51 -33.43
CA GLY B 160 -25.66 10.36 -34.54
C GLY B 160 -26.92 9.58 -34.24
N TRP B 161 -26.90 8.78 -33.16
CA TRP B 161 -28.09 8.01 -32.76
C TRP B 161 -28.53 8.31 -31.33
N SER B 162 -27.94 9.35 -30.76
CA SER B 162 -28.25 9.77 -29.41
C SER B 162 -29.60 10.46 -29.34
N VAL B 163 -30.21 10.43 -28.16
CA VAL B 163 -31.53 11.01 -27.96
C VAL B 163 -31.64 11.63 -26.56
N HIS B 164 -32.27 12.80 -26.48
CA HIS B 164 -32.69 13.35 -25.20
C HIS B 164 -34.06 12.76 -24.85
N ALA B 165 -34.09 11.99 -23.77
CA ALA B 165 -35.25 11.19 -23.40
C ALA B 165 -35.67 11.46 -21.96
N PRO B 166 -36.43 12.55 -21.73
CA PRO B 166 -36.81 12.88 -20.35
C PRO B 166 -37.55 11.74 -19.63
N SER B 167 -38.26 10.89 -20.37
CA SER B 167 -38.89 9.70 -19.77
C SER B 167 -37.96 8.47 -19.72
N LEU B 168 -36.81 8.58 -20.39
CA LEU B 168 -35.85 7.47 -20.57
C LEU B 168 -36.48 6.17 -21.08
N ARG B 169 -37.45 6.30 -21.97
CA ARG B 169 -38.02 5.14 -22.66
C ARG B 169 -38.15 5.48 -24.13
N ARG B 170 -37.48 4.70 -24.99
CA ARG B 170 -37.47 4.91 -26.43
C ARG B 170 -37.64 3.60 -27.18
N ARG B 171 -37.91 3.69 -28.48
CA ARG B 171 -38.18 2.51 -29.27
C ARG B 171 -37.44 2.44 -30.60
N TPO B 172 -36.66 3.46 -30.92
CA TPO B 172 -35.93 3.48 -32.21
CB TPO B 172 -35.29 4.85 -32.48
CG2 TPO B 172 -34.61 4.94 -33.85
OG1 TPO B 172 -36.31 5.85 -32.40
P TPO B 172 -36.18 7.06 -31.35
O1P TPO B 172 -35.04 7.90 -31.89
O2P TPO B 172 -35.91 6.43 -30.02
O3P TPO B 172 -37.52 7.76 -31.43
C TPO B 172 -34.89 2.42 -32.24
O TPO B 172 -34.03 2.34 -31.35
N MET B 173 -34.95 1.59 -33.27
CA MET B 173 -33.95 0.58 -33.56
C MET B 173 -32.70 1.27 -34.09
N CYS B 174 -31.65 1.28 -33.27
CA CYS B 174 -30.40 1.91 -33.70
C CYS B 174 -29.21 1.30 -33.01
N GLY B 175 -28.04 1.59 -33.54
CA GLY B 175 -26.80 1.12 -32.99
C GLY B 175 -26.04 0.36 -34.05
N THR B 176 -25.27 -0.63 -33.61
CA THR B 176 -24.40 -1.40 -34.49
C THR B 176 -24.55 -2.88 -34.13
N LEU B 177 -24.72 -3.73 -35.15
CA LEU B 177 -25.10 -5.13 -34.95
C LEU B 177 -24.38 -5.83 -33.79
N ASP B 178 -23.04 -5.85 -33.81
CA ASP B 178 -22.27 -6.58 -32.79
C ASP B 178 -22.48 -6.04 -31.38
N TYR B 179 -22.95 -4.81 -31.29
CA TYR B 179 -23.03 -4.04 -30.06
C TYR B 179 -24.46 -3.94 -29.51
N LEU B 180 -25.43 -4.44 -30.27
CA LEU B 180 -26.85 -4.29 -29.90
C LEU B 180 -27.19 -5.01 -28.61
N PRO B 181 -27.79 -4.28 -27.64
CA PRO B 181 -28.32 -4.95 -26.46
C PRO B 181 -29.46 -5.86 -26.88
N PRO B 182 -29.72 -6.92 -26.08
CA PRO B 182 -30.81 -7.85 -26.40
C PRO B 182 -32.15 -7.14 -26.62
N GLU B 183 -32.44 -6.09 -25.83
CA GLU B 183 -33.72 -5.38 -25.97
C GLU B 183 -33.82 -4.58 -27.28
N MET B 184 -32.68 -4.12 -27.79
CA MET B 184 -32.66 -3.46 -29.10
C MET B 184 -32.97 -4.44 -30.20
N ILE B 185 -32.21 -5.53 -30.23
CA ILE B 185 -32.34 -6.50 -31.31
C ILE B 185 -33.71 -7.19 -31.26
N GLU B 186 -34.32 -7.27 -30.07
CA GLU B 186 -35.65 -7.90 -29.91
C GLU B 186 -36.82 -6.91 -30.10
N GLY B 187 -36.48 -5.63 -30.31
CA GLY B 187 -37.48 -4.60 -30.64
C GLY B 187 -38.30 -4.11 -29.45
N LYS B 188 -37.78 -4.33 -28.24
CA LYS B 188 -38.46 -3.90 -27.03
C LYS B 188 -38.18 -2.44 -26.72
N THR B 189 -39.04 -1.82 -25.91
CA THR B 189 -38.76 -0.50 -25.40
C THR B 189 -37.43 -0.51 -24.60
N HIS B 190 -36.60 0.48 -24.84
CA HIS B 190 -35.29 0.54 -24.21
C HIS B 190 -35.09 1.83 -23.41
N ASP B 191 -34.11 1.82 -22.52
CA ASP B 191 -33.78 3.00 -21.73
C ASP B 191 -32.28 3.26 -21.75
N GLU B 192 -31.81 4.08 -20.80
CA GLU B 192 -30.40 4.46 -20.72
C GLU B 192 -29.45 3.28 -20.50
N LYS B 193 -30.00 2.13 -20.08
CA LYS B 193 -29.19 0.95 -19.75
C LYS B 193 -28.67 0.24 -21.01
N VAL B 194 -29.16 0.65 -22.18
CA VAL B 194 -28.55 0.21 -23.43
C VAL B 194 -27.07 0.59 -23.44
N ASP B 195 -26.73 1.74 -22.85
CA ASP B 195 -25.35 2.22 -22.83
C ASP B 195 -24.45 1.39 -21.93
N LEU B 196 -25.04 0.81 -20.88
CA LEU B 196 -24.29 -0.07 -19.97
C LEU B 196 -23.89 -1.37 -20.67
N TRP B 197 -24.83 -1.93 -21.42
CA TRP B 197 -24.54 -3.09 -22.26
C TRP B 197 -23.40 -2.76 -23.23
N CYS B 198 -23.57 -1.70 -24.03
CA CYS B 198 -22.56 -1.36 -25.04
C CYS B 198 -21.19 -1.12 -24.41
N ALA B 199 -21.18 -0.51 -23.23
CA ALA B 199 -19.96 -0.36 -22.44
C ALA B 199 -19.31 -1.70 -22.15
N GLY B 200 -20.11 -2.72 -21.85
CA GLY B 200 -19.57 -4.06 -21.63
C GLY B 200 -18.98 -4.68 -22.89
N VAL B 201 -19.68 -4.51 -24.02
CA VAL B 201 -19.19 -5.00 -25.30
C VAL B 201 -17.87 -4.32 -25.66
N LEU B 202 -17.81 -3.02 -25.39
CA LEU B 202 -16.62 -2.23 -25.71
C LEU B 202 -15.43 -2.69 -24.89
N CYS B 203 -15.66 -2.92 -23.60
CA CYS B 203 -14.61 -3.43 -22.72
C CYS B 203 -14.05 -4.77 -23.24
N TYR B 204 -14.95 -5.66 -23.63
CA TYR B 204 -14.56 -6.94 -24.19
C TYR B 204 -13.72 -6.74 -25.45
N GLU B 205 -14.21 -5.92 -26.36
CA GLU B 205 -13.46 -5.71 -27.62
C GLU B 205 -12.08 -5.07 -27.41
N PHE B 206 -11.99 -4.09 -26.51
CA PHE B 206 -10.69 -3.51 -26.16
C PHE B 206 -9.68 -4.58 -25.76
N LEU B 207 -10.10 -5.47 -24.87
CA LEU B 207 -9.24 -6.47 -24.26
C LEU B 207 -9.02 -7.72 -25.12
N VAL B 208 -10.01 -8.02 -25.94
CA VAL B 208 -10.02 -9.25 -26.74
C VAL B 208 -9.58 -9.01 -28.19
N GLY B 209 -9.94 -7.86 -28.75
CA GLY B 209 -9.61 -7.49 -30.13
C GLY B 209 -10.71 -7.84 -31.13
N MET B 210 -11.76 -8.50 -30.65
CA MET B 210 -12.98 -8.73 -31.43
C MET B 210 -14.19 -8.63 -30.50
N PRO B 211 -15.38 -8.31 -31.06
CA PRO B 211 -16.60 -8.29 -30.23
C PRO B 211 -17.05 -9.68 -29.78
N PRO B 212 -17.77 -9.76 -28.65
CA PRO B 212 -18.00 -11.05 -28.00
C PRO B 212 -18.93 -12.02 -28.73
N PHE B 213 -19.78 -11.50 -29.60
CA PHE B 213 -20.79 -12.35 -30.22
C PHE B 213 -20.61 -12.46 -31.74
N ASP B 214 -19.40 -12.12 -32.20
CA ASP B 214 -19.03 -12.21 -33.61
C ASP B 214 -19.31 -13.61 -34.14
N SER B 215 -19.98 -13.69 -35.29
CA SER B 215 -20.34 -14.96 -35.90
C SER B 215 -20.37 -14.83 -37.42
N PRO B 216 -20.29 -15.97 -38.14
CA PRO B 216 -20.46 -15.96 -39.60
C PRO B 216 -21.82 -15.39 -40.02
N SER B 217 -22.89 -15.90 -39.41
CA SER B 217 -24.23 -15.57 -39.85
C SER B 217 -24.87 -14.58 -38.91
N HIS B 218 -25.85 -13.84 -39.42
CA HIS B 218 -26.64 -12.95 -38.58
C HIS B 218 -27.45 -13.75 -37.55
N THR B 219 -28.03 -14.86 -37.98
CA THR B 219 -28.89 -15.64 -37.09
C THR B 219 -28.11 -16.06 -35.85
N GLU B 220 -26.85 -16.45 -36.07
CA GLU B 220 -25.99 -16.87 -34.98
C GLU B 220 -25.62 -15.71 -34.06
N THR B 221 -25.26 -14.56 -34.63
CA THR B 221 -24.94 -13.37 -33.83
C THR B 221 -26.15 -12.95 -32.99
N HIS B 222 -27.32 -12.89 -33.62
CA HIS B 222 -28.56 -12.60 -32.92
C HIS B 222 -28.77 -13.59 -31.77
N ARG B 223 -28.63 -14.88 -32.06
CA ARG B 223 -28.74 -15.94 -31.03
C ARG B 223 -27.78 -15.73 -29.85
N ARG B 224 -26.53 -15.39 -30.15
CA ARG B 224 -25.53 -15.24 -29.10
C ARG B 224 -25.80 -14.01 -28.23
N ILE B 225 -26.24 -12.93 -28.86
CA ILE B 225 -26.62 -11.70 -28.13
C ILE B 225 -27.79 -11.98 -27.18
N VAL B 226 -28.89 -12.54 -27.70
CA VAL B 226 -30.08 -12.72 -26.85
C VAL B 226 -29.93 -13.82 -25.78
N ASN B 227 -28.96 -14.71 -25.95
CA ASN B 227 -28.66 -15.73 -24.95
C ASN B 227 -27.39 -15.42 -24.16
N VAL B 228 -26.85 -14.21 -24.37
CA VAL B 228 -25.60 -13.74 -23.74
C VAL B 228 -24.53 -14.84 -23.74
N ASP B 229 -24.24 -15.34 -24.93
CA ASP B 229 -23.39 -16.51 -25.11
C ASP B 229 -21.94 -16.07 -25.11
N LEU B 230 -21.42 -15.72 -23.94
CA LEU B 230 -20.02 -15.28 -23.81
C LEU B 230 -19.07 -16.45 -23.81
N LYS B 231 -17.95 -16.26 -24.50
CA LYS B 231 -16.87 -17.24 -24.52
C LYS B 231 -15.60 -16.44 -24.27
N PHE B 232 -15.33 -16.14 -23.01
CA PHE B 232 -14.14 -15.35 -22.67
C PHE B 232 -12.88 -16.11 -23.06
N PRO B 233 -11.99 -15.47 -23.83
CA PRO B 233 -10.66 -16.04 -24.06
C PRO B 233 -9.88 -16.28 -22.77
N PRO B 234 -9.07 -17.36 -22.73
CA PRO B 234 -8.27 -17.68 -21.54
C PRO B 234 -7.24 -16.63 -21.12
N PHE B 235 -6.93 -15.69 -22.00
CA PHE B 235 -5.93 -14.67 -21.70
C PHE B 235 -6.45 -13.47 -20.89
N LEU B 236 -7.76 -13.41 -20.68
CA LEU B 236 -8.36 -12.34 -19.89
C LEU B 236 -8.22 -12.59 -18.40
N SER B 237 -7.94 -11.52 -17.66
CA SER B 237 -7.81 -11.61 -16.21
C SER B 237 -9.17 -11.81 -15.58
N ASP B 238 -9.16 -12.30 -14.33
CA ASP B 238 -10.41 -12.47 -13.56
C ASP B 238 -11.13 -11.13 -13.39
N GLY B 239 -10.38 -10.06 -13.12
CA GLY B 239 -10.95 -8.72 -12.92
C GLY B 239 -11.75 -8.21 -14.10
N SER B 240 -11.18 -8.31 -15.31
CA SER B 240 -11.86 -7.86 -16.53
C SER B 240 -13.10 -8.69 -16.82
N LYS B 241 -13.00 -10.00 -16.66
CA LYS B 241 -14.15 -10.89 -16.89
C LYS B 241 -15.26 -10.58 -15.90
N ASP B 242 -14.89 -10.28 -14.66
CA ASP B 242 -15.88 -9.89 -13.64
C ASP B 242 -16.67 -8.65 -14.10
N LEU B 243 -15.96 -7.59 -14.50
CA LEU B 243 -16.60 -6.36 -14.94
C LEU B 243 -17.52 -6.58 -16.13
N ILE B 244 -17.00 -7.24 -17.17
CA ILE B 244 -17.76 -7.52 -18.39
C ILE B 244 -19.00 -8.38 -18.08
N SER B 245 -18.83 -9.42 -17.27
N SER B 245 -18.83 -9.41 -17.26
CA SER B 245 -19.96 -10.30 -16.91
CA SER B 245 -19.93 -10.30 -16.87
C SER B 245 -21.05 -9.55 -16.14
C SER B 245 -21.04 -9.56 -16.13
N LYS B 246 -20.67 -8.50 -15.42
CA LYS B 246 -21.63 -7.68 -14.66
C LYS B 246 -22.30 -6.60 -15.48
N LEU B 247 -21.70 -6.22 -16.61
CA LEU B 247 -22.32 -5.29 -17.55
C LEU B 247 -23.19 -6.00 -18.58
N LEU B 248 -22.72 -7.13 -19.10
CA LEU B 248 -23.46 -7.84 -20.14
C LEU B 248 -24.54 -8.74 -19.55
N ARG B 249 -25.54 -8.11 -18.94
CA ARG B 249 -26.71 -8.83 -18.42
C ARG B 249 -27.87 -8.70 -19.38
N TYR B 250 -28.58 -9.80 -19.60
CA TYR B 250 -29.76 -9.76 -20.44
C TYR B 250 -30.80 -8.76 -19.89
N HIS B 251 -31.10 -8.89 -18.59
CA HIS B 251 -32.12 -8.07 -17.95
C HIS B 251 -31.51 -6.71 -17.59
N PRO B 252 -31.98 -5.62 -18.24
CA PRO B 252 -31.30 -4.34 -18.10
C PRO B 252 -31.06 -3.86 -16.67
N PRO B 253 -32.07 -3.94 -15.77
CA PRO B 253 -31.85 -3.47 -14.38
C PRO B 253 -30.73 -4.18 -13.62
N GLN B 254 -30.31 -5.36 -14.08
CA GLN B 254 -29.23 -6.09 -13.41
C GLN B 254 -27.84 -5.56 -13.73
N ARG B 255 -27.75 -4.77 -14.80
CA ARG B 255 -26.46 -4.30 -15.31
C ARG B 255 -25.77 -3.40 -14.29
N LEU B 256 -24.46 -3.61 -14.10
CA LEU B 256 -23.69 -2.78 -13.18
C LEU B 256 -23.85 -1.29 -13.54
N PRO B 257 -24.26 -0.46 -12.54
CA PRO B 257 -24.37 0.95 -12.86
C PRO B 257 -23.02 1.59 -13.19
N LEU B 258 -23.06 2.69 -13.92
CA LEU B 258 -21.84 3.41 -14.31
C LEU B 258 -20.98 3.76 -13.10
N LYS B 259 -21.62 4.14 -12.00
CA LYS B 259 -20.89 4.42 -10.76
C LYS B 259 -20.13 3.16 -10.30
N GLY B 260 -20.75 2.00 -10.46
CA GLY B 260 -20.11 0.73 -10.12
C GLY B 260 -18.96 0.35 -11.05
N VAL B 261 -19.05 0.76 -12.31
CA VAL B 261 -17.93 0.58 -13.25
C VAL B 261 -16.73 1.39 -12.76
N MET B 262 -16.97 2.66 -12.44
CA MET B 262 -15.88 3.55 -12.03
C MET B 262 -15.24 3.09 -10.72
N GLU B 263 -16.06 2.47 -9.87
CA GLU B 263 -15.62 1.92 -8.57
C GLU B 263 -15.12 0.47 -8.62
N HIS B 264 -15.31 -0.21 -9.75
CA HIS B 264 -14.92 -1.62 -9.88
C HIS B 264 -13.43 -1.83 -9.55
N PRO B 265 -13.12 -2.83 -8.71
CA PRO B 265 -11.74 -3.06 -8.30
C PRO B 265 -10.74 -3.15 -9.48
N TRP B 266 -11.15 -3.77 -10.59
CA TRP B 266 -10.26 -3.87 -11.77
C TRP B 266 -10.02 -2.51 -12.42
N VAL B 267 -11.07 -1.70 -12.54
CA VAL B 267 -10.92 -0.33 -13.03
C VAL B 267 -10.02 0.49 -12.11
N LYS B 268 -10.27 0.43 -10.80
CA LYS B 268 -9.47 1.18 -9.84
C LYS B 268 -8.00 0.80 -9.87
N ALA B 269 -7.71 -0.50 -9.91
CA ALA B 269 -6.32 -0.98 -9.89
C ALA B 269 -5.54 -0.66 -11.17
N ASN B 270 -6.24 -0.59 -12.30
CA ASN B 270 -5.58 -0.50 -13.60
C ASN B 270 -5.69 0.82 -14.38
N SER B 271 -6.65 1.65 -14.02
CA SER B 271 -6.83 2.94 -14.68
C SER B 271 -5.65 3.86 -14.41
N ARG B 272 -5.20 4.54 -15.46
CA ARG B 272 -4.14 5.53 -15.35
C ARG B 272 -4.67 6.85 -15.90
N ARG B 273 -5.91 7.15 -15.56
CA ARG B 273 -6.62 8.28 -16.16
C ARG B 273 -6.01 9.60 -15.77
N VAL B 274 -5.91 10.50 -16.73
CA VAL B 274 -5.46 11.85 -16.48
C VAL B 274 -6.52 12.82 -16.97
N LEU B 275 -6.75 13.87 -16.19
CA LEU B 275 -7.70 14.90 -16.58
C LEU B 275 -6.95 15.97 -17.37
N PRO B 276 -7.55 16.47 -18.46
CA PRO B 276 -6.94 17.56 -19.21
C PRO B 276 -6.61 18.73 -18.28
N PRO B 277 -5.41 19.32 -18.46
CA PRO B 277 -4.95 20.43 -17.64
C PRO B 277 -5.98 21.52 -17.45
N VAL B 278 -5.93 22.14 -16.27
CA VAL B 278 -6.73 23.31 -15.99
C VAL B 278 -6.06 24.53 -16.66
N TYR B 279 -6.88 25.36 -17.29
CA TYR B 279 -6.38 26.53 -18.02
C TYR B 279 -6.20 27.74 -17.12
N ILE C 1 -0.72 22.15 -46.44
CA ILE C 1 0.00 23.31 -47.06
C ILE C 1 0.35 24.39 -46.02
N PRO C 2 -0.66 24.97 -45.32
CA PRO C 2 -0.29 26.12 -44.46
C PRO C 2 0.72 25.68 -43.41
N ALA C 3 1.72 26.53 -43.17
CA ALA C 3 2.80 26.24 -42.23
C ALA C 3 2.32 25.81 -40.84
N TRP C 4 1.33 26.52 -40.30
CA TRP C 4 0.81 26.24 -38.95
C TRP C 4 0.27 24.80 -38.85
N ALA C 5 -0.23 24.30 -39.98
CA ALA C 5 -0.84 22.97 -40.08
C ALA C 5 0.13 21.85 -40.46
N SER C 6 1.38 22.21 -40.80
CA SER C 6 2.39 21.22 -41.17
C SER C 6 2.80 20.42 -39.94
N GLY C 7 3.00 19.12 -40.14
CA GLY C 7 3.33 18.17 -39.09
C GLY C 7 4.06 18.72 -37.87
N ASN C 8 5.29 19.17 -38.05
CA ASN C 8 6.15 19.59 -36.94
C ASN C 8 5.67 20.82 -36.17
N LEU C 9 5.17 21.82 -36.90
CA LEU C 9 4.63 23.03 -36.28
C LEU C 9 3.37 22.70 -35.49
N LEU C 10 2.52 21.87 -36.09
CA LEU C 10 1.25 21.48 -35.50
C LEU C 10 1.43 20.80 -34.14
N THR C 11 2.37 19.85 -34.06
CA THR C 11 2.57 19.06 -32.82
C THR C 11 2.91 19.95 -31.63
N GLN C 12 3.74 20.97 -31.86
CA GLN C 12 4.12 21.88 -30.79
C GLN C 12 2.98 22.83 -30.42
N ALA C 13 2.24 23.28 -31.43
CA ALA C 13 1.07 24.13 -31.20
C ALA C 13 -0.04 23.39 -30.45
N ILE C 14 -0.25 22.11 -30.77
CA ILE C 14 -1.24 21.28 -30.09
C ILE C 14 -0.85 21.07 -28.61
N ARG C 15 0.43 20.83 -28.38
CA ARG C 15 0.99 20.63 -27.05
C ARG C 15 0.75 21.83 -26.14
N GLN C 16 1.07 23.02 -26.64
CA GLN C 16 0.92 24.28 -25.88
C GLN C 16 -0.56 24.54 -25.57
N GLN C 17 -1.41 24.22 -26.54
CA GLN C 17 -2.86 24.40 -26.41
C GLN C 17 -3.42 23.45 -25.36
N TYR C 18 -2.86 22.26 -25.27
CA TYR C 18 -3.24 21.29 -24.25
C TYR C 18 -2.85 21.73 -22.84
N TYR C 19 -1.63 22.26 -22.70
CA TYR C 19 -1.11 22.65 -21.39
C TYR C 19 -1.49 24.07 -20.97
N LYS C 20 -1.76 24.92 -21.96
CA LYS C 20 -2.24 26.28 -21.73
C LYS C 20 -3.54 26.52 -22.49
N PRO C 21 -4.63 25.86 -22.05
CA PRO C 21 -5.90 26.01 -22.77
C PRO C 21 -6.52 27.38 -22.50
N ILE C 22 -7.36 27.84 -23.43
CA ILE C 22 -8.11 29.07 -23.25
C ILE C 22 -9.47 28.71 -22.64
N ASP C 23 -10.19 29.70 -22.14
CA ASP C 23 -11.55 29.47 -21.67
C ASP C 23 -12.48 29.41 -22.87
N VAL C 24 -12.70 28.19 -23.38
CA VAL C 24 -13.53 27.97 -24.56
C VAL C 24 -14.98 28.32 -24.32
N ASP C 25 -15.44 28.12 -23.08
CA ASP C 25 -16.82 28.43 -22.71
C ASP C 25 -17.08 29.92 -22.83
N ARG C 26 -16.11 30.71 -22.40
CA ARG C 26 -16.17 32.16 -22.50
C ARG C 26 -15.95 32.66 -23.93
N MET C 27 -14.94 32.11 -24.61
CA MET C 27 -14.56 32.58 -25.94
C MET C 27 -15.49 32.09 -27.06
N TYR C 28 -16.01 30.87 -26.92
CA TYR C 28 -16.87 30.28 -27.96
C TYR C 28 -18.27 29.98 -27.46
N GLY C 29 -18.36 29.55 -26.21
CA GLY C 29 -19.64 29.15 -25.62
C GLY C 29 -20.62 30.29 -25.38
N THR C 30 -20.10 31.51 -25.22
CA THR C 30 -20.95 32.68 -24.98
C THR C 30 -21.46 33.28 -26.28
N ILE C 31 -20.79 32.99 -27.39
CA ILE C 31 -21.12 33.56 -28.69
C ILE C 31 -22.43 32.99 -29.22
N ASP C 32 -23.23 33.86 -29.82
CA ASP C 32 -24.52 33.50 -30.39
C ASP C 32 -24.39 32.42 -31.47
N SER C 33 -25.47 31.67 -31.66
CA SER C 33 -25.55 30.62 -32.67
C SER C 33 -26.83 30.84 -33.49
N PRO C 34 -26.86 30.37 -34.74
CA PRO C 34 -28.15 30.49 -35.45
C PRO C 34 -29.16 29.55 -34.83
N LYS C 35 -30.43 29.93 -34.85
CA LYS C 35 -31.51 29.04 -34.39
C LYS C 35 -31.51 27.82 -35.28
N LEU C 36 -31.77 26.64 -34.70
CA LEU C 36 -31.79 25.40 -35.47
C LEU C 36 -32.81 25.43 -36.61
N GLU C 37 -33.87 26.22 -36.42
CA GLU C 37 -34.88 26.47 -37.46
C GLU C 37 -34.27 27.12 -38.70
N GLU C 38 -33.38 28.09 -38.49
CA GLU C 38 -32.69 28.81 -39.58
C GLU C 38 -31.89 27.89 -40.47
N LEU C 39 -31.32 26.84 -39.88
CA LEU C 39 -30.40 25.92 -40.58
C LEU C 39 -31.09 25.17 -41.71
N PHE C 40 -32.37 24.87 -41.52
CA PHE C 40 -33.18 24.19 -42.52
C PHE C 40 -34.48 24.98 -42.72
N ASN C 41 -35.45 24.77 -41.82
N ILE D 1 35.18 -32.30 21.49
CA ILE D 1 34.87 -30.98 20.88
C ILE D 1 35.35 -30.94 19.43
N PRO D 2 34.41 -31.00 18.46
CA PRO D 2 34.73 -30.93 17.04
C PRO D 2 35.54 -29.68 16.71
N ALA D 3 36.31 -29.75 15.63
CA ALA D 3 37.27 -28.69 15.28
C ALA D 3 36.63 -27.32 15.10
N TRP D 4 35.47 -27.28 14.46
CA TRP D 4 34.77 -26.03 14.17
C TRP D 4 34.40 -25.26 15.43
N ALA D 5 34.31 -25.97 16.56
CA ALA D 5 33.74 -25.41 17.78
C ALA D 5 34.75 -24.85 18.77
N SER D 6 35.99 -24.64 18.32
CA SER D 6 37.03 -24.09 19.20
C SER D 6 38.13 -23.32 18.46
N GLY D 7 38.81 -22.46 19.19
CA GLY D 7 40.02 -21.78 18.72
C GLY D 7 39.79 -20.85 17.55
N ASN D 8 40.66 -20.96 16.55
CA ASN D 8 40.62 -20.08 15.39
C ASN D 8 39.48 -20.40 14.42
N LEU D 9 39.10 -21.67 14.36
CA LEU D 9 38.02 -22.11 13.47
C LEU D 9 36.68 -21.52 13.88
N LEU D 10 36.43 -21.53 15.18
CA LEU D 10 35.22 -20.95 15.75
C LEU D 10 35.20 -19.42 15.57
N THR D 11 36.28 -18.76 15.99
CA THR D 11 36.41 -17.31 15.87
C THR D 11 36.15 -16.84 14.43
N GLN D 12 36.85 -17.45 13.46
CA GLN D 12 36.64 -17.19 12.04
C GLN D 12 35.17 -17.25 11.66
N ALA D 13 34.52 -18.35 12.03
CA ALA D 13 33.13 -18.61 11.68
C ALA D 13 32.19 -17.57 12.31
N ILE D 14 32.44 -17.26 13.58
CA ILE D 14 31.67 -16.26 14.33
C ILE D 14 31.75 -14.88 13.66
N ARG D 15 32.96 -14.49 13.25
CA ARG D 15 33.19 -13.23 12.55
C ARG D 15 32.47 -13.18 11.21
N GLN D 16 32.57 -14.26 10.43
CA GLN D 16 31.87 -14.35 9.15
C GLN D 16 30.37 -14.23 9.30
N GLN D 17 29.85 -14.81 10.37
CA GLN D 17 28.42 -14.80 10.64
C GLN D 17 27.93 -13.39 11.01
N TYR D 18 28.75 -12.66 11.76
CA TYR D 18 28.45 -11.29 12.17
C TYR D 18 28.37 -10.34 10.97
N TYR D 19 29.35 -10.43 10.08
CA TYR D 19 29.45 -9.54 8.91
C TYR D 19 28.66 -10.00 7.69
N LYS D 20 28.34 -11.28 7.63
CA LYS D 20 27.45 -11.80 6.59
C LYS D 20 26.23 -12.47 7.22
N PRO D 21 25.27 -11.67 7.75
CA PRO D 21 24.08 -12.25 8.35
C PRO D 21 23.17 -12.88 7.29
N ILE D 22 22.66 -14.06 7.59
CA ILE D 22 21.68 -14.71 6.72
C ILE D 22 20.28 -14.23 7.05
N ASP D 23 19.33 -14.55 6.18
CA ASP D 23 17.93 -14.21 6.41
C ASP D 23 17.33 -15.24 7.36
N VAL D 24 17.56 -15.06 8.66
CA VAL D 24 17.06 -15.95 9.70
C VAL D 24 15.53 -15.94 9.78
N ASP D 25 14.93 -14.82 9.38
CA ASP D 25 13.48 -14.67 9.33
C ASP D 25 12.85 -15.59 8.29
N ARG D 26 13.56 -15.84 7.19
CA ARG D 26 13.13 -16.82 6.19
C ARG D 26 13.72 -18.20 6.48
N MET D 27 15.01 -18.25 6.83
CA MET D 27 15.71 -19.51 7.02
C MET D 27 15.16 -20.34 8.18
N TYR D 28 14.78 -19.66 9.27
CA TYR D 28 14.26 -20.32 10.46
C TYR D 28 12.89 -19.81 10.85
N GLY D 29 12.69 -18.49 10.74
CA GLY D 29 11.46 -17.83 11.18
C GLY D 29 10.23 -18.29 10.44
N THR D 30 10.40 -18.74 9.20
CA THR D 30 9.29 -19.20 8.38
C THR D 30 8.98 -20.70 8.57
N ILE D 31 9.94 -21.44 9.13
CA ILE D 31 9.80 -22.88 9.36
C ILE D 31 8.77 -23.15 10.46
N ASP D 32 7.95 -24.17 10.26
CA ASP D 32 6.90 -24.52 11.20
C ASP D 32 7.41 -24.82 12.61
N SER D 33 6.64 -24.41 13.59
CA SER D 33 6.95 -24.63 14.99
C SER D 33 5.90 -25.56 15.59
N PRO D 34 6.31 -26.42 16.54
CA PRO D 34 5.30 -27.16 17.29
C PRO D 34 4.44 -26.19 18.10
N LYS D 35 3.13 -26.35 18.03
CA LYS D 35 2.20 -25.54 18.80
C LYS D 35 2.56 -25.62 20.29
N LEU D 36 2.52 -24.48 20.99
CA LEU D 36 2.96 -24.43 22.38
C LEU D 36 2.21 -25.41 23.29
N GLU D 37 0.93 -25.62 23.01
CA GLU D 37 0.12 -26.58 23.78
C GLU D 37 0.52 -28.04 23.53
N GLU D 38 1.14 -28.30 22.39
CA GLU D 38 1.55 -29.67 22.05
C GLU D 38 3.01 -29.98 22.42
N LEU D 39 3.69 -29.00 23.02
CA LEU D 39 5.08 -29.15 23.45
C LEU D 39 5.27 -30.27 24.48
N PHE D 40 4.29 -30.43 25.38
CA PHE D 40 4.34 -31.48 26.39
C PHE D 40 3.55 -32.72 25.98
N ASN D 41 3.27 -32.82 24.68
CA ASN D 41 2.54 -33.94 24.10
C ASN D 41 3.43 -34.79 23.17
N LYS D 42 2.80 -35.67 22.40
CA LYS D 42 3.51 -36.56 21.46
C LYS D 42 4.32 -35.79 20.42
N SER D 43 5.41 -36.40 19.96
CA SER D 43 6.28 -35.80 18.95
C SER D 43 6.34 -36.67 17.69
CAT 447 E . 34.42 -17.37 25.72
CAQ 447 E . 35.81 -17.12 26.33
OBA 447 E . 35.72 -16.11 27.40
CAR 447 E . 34.79 -16.48 28.47
CAU 447 E . 33.43 -16.92 27.88
NBL 447 E . 33.39 -16.60 26.44
CAS 447 E . 32.02 -16.66 25.86
CAO 447 E . 31.43 -18.06 25.59
CAP 447 E . 29.95 -17.89 25.20
OBB 447 E . 29.13 -18.09 26.38
CBH 447 E . 27.77 -18.22 26.24
CAM 447 E . 27.08 -17.92 25.06
CBG 447 E . 27.05 -18.66 27.37
OAZ 447 E . 27.73 -18.93 28.54
CAA 447 E . 28.73 -19.94 28.48
CAN 447 E . 25.66 -18.81 27.32
C5 447 E . 24.96 -18.51 26.14
C4 447 E . 25.68 -18.07 25.01
N3 447 E . 25.04 -17.79 23.87
C2 447 E . 23.65 -17.93 23.78
N1 447 E . 22.93 -18.38 24.91
C6 447 E . 23.57 -18.66 26.05
NAY 447 E . 22.92 -19.09 27.17
CBE 447 E . 21.57 -19.12 27.21
CAK 447 E . 20.93 -20.24 27.77
CAI 447 E . 19.53 -20.30 27.84
CAJ 447 E . 20.77 -18.07 26.74
CAH 447 E . 19.37 -18.14 26.80
CBD 447 E . 18.74 -19.24 27.36
NAX 447 E . 17.39 -19.28 27.38
CBC 447 E . 16.69 -20.05 28.24
OAB 447 E . 17.20 -20.80 29.10
CBF 447 E . 15.31 -19.98 28.12
CAF 447 E . 14.49 -20.62 29.04
CAD 447 E . 13.10 -20.55 28.91
CAC 447 E . 12.53 -19.86 27.85
CAE 447 E . 13.35 -19.21 26.92
CAG 447 E . 14.74 -19.29 27.06
CAT 447 F . -2.18 11.85 -36.63
CAQ 447 F . -1.07 11.08 -35.90
OBA 447 F . -1.50 9.72 -35.60
CAR 447 F . -2.27 9.13 -36.68
CAU 447 F . -3.60 9.87 -36.83
NBL 447 F . -3.52 11.27 -36.39
CAS 447 F . -4.51 12.05 -37.14
CAO 447 F . -5.03 13.26 -36.35
CAP 447 F . -6.40 13.66 -36.87
OBB 447 F . -7.36 12.69 -36.41
CBH 447 F . -8.63 13.18 -36.27
CAM 447 F . -8.95 14.17 -35.34
CBG 447 F . -9.61 12.62 -37.09
OAZ 447 F . -9.20 11.66 -37.96
CAA 447 F . -10.25 11.08 -38.76
CAN 447 F . -10.95 13.07 -36.99
C5 447 F . -11.28 14.06 -36.07
C4 447 F . -10.27 14.61 -35.24
N3 447 F . -10.58 15.57 -34.36
C2 447 F . -11.89 16.03 -34.23
N1 447 F . -12.89 15.49 -35.06
C6 447 F . -12.59 14.53 -35.95
NAY 447 F . -13.54 13.99 -36.74
CBE 447 F . -14.82 14.19 -36.37
CAK 447 F . -15.67 14.92 -37.18
CAI 447 F . -17.00 15.14 -36.80
CAJ 447 F . -15.30 13.70 -35.15
CAH 447 F . -16.61 13.93 -34.75
CBD 447 F . -17.47 14.64 -35.59
NAX 447 F . -18.73 14.88 -35.20
CBC 447 F . -19.76 14.09 -35.54
OAB 447 F . -19.70 13.07 -36.22
CBF 447 F . -20.98 14.56 -35.02
CAF 447 F . -21.79 13.75 -34.23
CAD 447 F . -22.99 14.26 -33.72
CAC 447 F . -23.37 15.57 -33.99
CAE 447 F . -22.56 16.38 -34.78
CAG 447 F . -21.37 15.89 -35.30
#